data_1IEW
#
_entry.id   1IEW
#
_cell.length_a   100.962
_cell.length_b   100.962
_cell.length_c   181.254
_cell.angle_alpha   90.00
_cell.angle_beta   90.00
_cell.angle_gamma   90.00
#
_symmetry.space_group_name_H-M   'P 43 21 2'
#
loop_
_entity.id
_entity.type
_entity.pdbx_description
1 polymer 'BETA-D-GLUCAN GLUCOHYDROLASE ISOENZYME EXO1'
2 branched beta-D-mannopyranose-(1-4)-2-acetamido-2-deoxy-beta-D-glucopyranose-(1-4)-2-acetamido-2-deoxy-beta-D-glucopyranose
3 branched 2-acetamido-2-deoxy-beta-D-glucopyranose-(1-2)-alpha-D-mannopyranose-(1-6)-beta-D-mannopyranose-(1-4)-2-acetamido-2-deoxy-beta-D-glucopyranose-(1-4)-[beta-L-fucopyranose-(1-3)]2-acetamido-2-deoxy-beta-D-glucopyranose
4 non-polymer 2-acetamido-2-deoxy-beta-D-glucopyranose
5 non-polymer 2-deoxy-2-fluoro-alpha-D-glucopyranose
6 water water
#
_entity_poly.entity_id   1
_entity_poly.type   'polypeptide(L)'
_entity_poly.pdbx_seq_one_letter_code
;DYVLYKDATKPVEDRVADLLGRMTLAEKIGQMTQIERLVATPDVLRDNFIGSLLSGGGSVPRKGATAKEWQDMVDGFQKA
CMSTRLGIPMIYGIDAVHGQNNVYGATIFPHNVGLGATRDPYLVKRIGEATALEVRATGIQYAFAPCIAVCRDPRWGRCY
ESYSEDRRIVQSMTELIPGLQGDVPKDFTSGMPFVAGKNKVAACAKHFVGDGGTVDGINENNTIINREGLMNIHMPAYKN
AMDKGVSTVMISYSSWNGVKMHANQDLVTGYLKDTLKFKGFVISDWEGIDRITTPAGSDYSYSVKASILAGLDMIMVPNK
YQQFISILTGHVNGGVIPMSRIDDAVTRILRVKFTMGLFENPYADPAMAEQLGKQEHRDLAREAARKSLVLLKNGKTSTD
APLLPLPKKAPKILVAGSHADNLGYQCGGWTIEWQGDTGRTTVGTTILEAVKAAVDPSTVVVFAENPDAEFVKSGGFSYA
IVAVGEHPYTETKGDNLNLTIPEPGLSTVQAVCGGVRCATVLISGRPVVVQPLLAASDALVAAWLPGSEGQGVTDALFGD
FGFTGRLPRTWFKSVDQLPMNVGDAHYDPLFRLGYGLTTNATKKY
;
_entity_poly.pdbx_strand_id   A
#
loop_
_chem_comp.id
_chem_comp.type
_chem_comp.name
_chem_comp.formula
BMA D-saccharide, beta linking beta-D-mannopyranose 'C6 H12 O6'
FUL L-saccharide, beta linking beta-L-fucopyranose 'C6 H12 O5'
G2F D-saccharide, alpha linking 2-deoxy-2-fluoro-alpha-D-glucopyranose 'C6 H11 F O5'
MAN D-saccharide, alpha linking alpha-D-mannopyranose 'C6 H12 O6'
NAG D-saccharide, beta linking 2-acetamido-2-deoxy-beta-D-glucopyranose 'C8 H15 N O6'
#
# COMPACT_ATOMS: atom_id res chain seq x y z
N ASP A 1 -7.75 0.36 45.44
CA ASP A 1 -7.65 -1.14 45.39
C ASP A 1 -7.02 -1.60 44.07
N TYR A 2 -6.87 -2.91 43.92
CA TYR A 2 -6.26 -3.50 42.73
C TYR A 2 -6.98 -3.13 41.43
N VAL A 3 -6.19 -2.72 40.43
CA VAL A 3 -6.74 -2.34 39.13
C VAL A 3 -6.44 -3.42 38.09
N LEU A 4 -7.46 -4.20 37.77
CA LEU A 4 -7.35 -5.31 36.83
C LEU A 4 -6.80 -4.96 35.44
N TYR A 5 -7.32 -3.93 34.81
CA TYR A 5 -6.88 -3.58 33.47
C TYR A 5 -5.41 -3.18 33.37
N LYS A 6 -4.82 -2.77 34.48
CA LYS A 6 -3.41 -2.37 34.49
C LYS A 6 -2.47 -3.54 34.74
N ASP A 7 -3.04 -4.70 35.05
CA ASP A 7 -2.28 -5.92 35.31
C ASP A 7 -2.01 -6.70 34.03
N ALA A 8 -0.75 -6.68 33.59
CA ALA A 8 -0.35 -7.36 32.35
C ALA A 8 -0.46 -8.89 32.34
N THR A 9 -0.53 -9.52 33.51
CA THR A 9 -0.62 -10.98 33.58
C THR A 9 -2.05 -11.48 33.44
N LYS A 10 -2.99 -10.58 33.21
CA LYS A 10 -4.39 -10.96 33.07
C LYS A 10 -4.83 -11.11 31.62
N PRO A 11 -5.83 -11.97 31.36
CA PRO A 11 -6.33 -12.19 30.00
C PRO A 11 -6.81 -10.89 29.39
N VAL A 12 -6.63 -10.74 28.08
CA VAL A 12 -7.04 -9.55 27.35
C VAL A 12 -8.51 -9.20 27.57
N GLU A 13 -9.38 -10.19 27.42
CA GLU A 13 -10.81 -9.95 27.59
C GLU A 13 -11.15 -9.40 28.97
N ASP A 14 -10.45 -9.86 30.00
CA ASP A 14 -10.71 -9.36 31.35
C ASP A 14 -10.26 -7.92 31.47
N ARG A 15 -9.13 -7.60 30.86
CA ARG A 15 -8.61 -6.25 30.90
C ARG A 15 -9.52 -5.28 30.14
N VAL A 16 -10.07 -5.74 29.02
CA VAL A 16 -10.96 -4.88 28.25
C VAL A 16 -12.20 -4.58 29.11
N ALA A 17 -12.84 -5.63 29.60
CA ALA A 17 -14.03 -5.48 30.43
C ALA A 17 -13.78 -4.54 31.62
N ASP A 18 -12.71 -4.80 32.36
CA ASP A 18 -12.37 -3.99 33.52
C ASP A 18 -12.22 -2.52 33.21
N LEU A 19 -11.51 -2.20 32.14
CA LEU A 19 -11.28 -0.81 31.75
C LEU A 19 -12.57 -0.17 31.24
N LEU A 20 -13.23 -0.85 30.32
CA LEU A 20 -14.47 -0.35 29.76
C LEU A 20 -15.44 0.07 30.87
N GLY A 21 -15.56 -0.80 31.87
CA GLY A 21 -16.46 -0.53 32.97
C GLY A 21 -16.15 0.68 33.84
N ARG A 22 -15.07 1.40 33.56
CA ARG A 22 -14.71 2.57 34.36
C ARG A 22 -14.76 3.84 33.52
N MET A 23 -14.93 3.67 32.22
CA MET A 23 -14.93 4.79 31.30
C MET A 23 -16.19 5.66 31.25
N THR A 24 -15.98 6.98 31.17
CA THR A 24 -17.09 7.93 31.07
C THR A 24 -17.41 8.01 29.57
N LEU A 25 -18.59 8.51 29.22
CA LEU A 25 -18.95 8.63 27.82
C LEU A 25 -17.85 9.35 27.05
N ALA A 26 -17.36 10.44 27.62
CA ALA A 26 -16.32 11.22 26.99
C ALA A 26 -15.09 10.38 26.68
N GLU A 27 -14.74 9.47 27.60
CA GLU A 27 -13.57 8.64 27.41
C GLU A 27 -13.82 7.54 26.38
N LYS A 28 -15.08 7.12 26.27
CA LYS A 28 -15.46 6.09 25.31
C LYS A 28 -15.42 6.67 23.90
N ILE A 29 -16.08 7.80 23.71
CA ILE A 29 -16.10 8.43 22.40
C ILE A 29 -14.70 8.89 22.03
N GLY A 30 -13.88 9.18 23.05
CA GLY A 30 -12.51 9.60 22.78
C GLY A 30 -11.70 8.49 22.13
N GLN A 31 -11.88 7.26 22.62
CA GLN A 31 -11.19 6.12 22.07
C GLN A 31 -11.57 5.92 20.63
N MET A 32 -12.78 6.33 20.26
CA MET A 32 -13.26 6.15 18.90
C MET A 32 -12.77 7.22 17.92
N THR A 33 -12.02 8.19 18.42
CA THR A 33 -11.54 9.28 17.58
C THR A 33 -10.07 9.18 17.16
N GLN A 34 -9.82 9.28 15.85
CA GLN A 34 -8.45 9.26 15.34
C GLN A 34 -8.23 10.61 14.65
N ILE A 35 -7.24 11.36 15.12
CA ILE A 35 -6.98 12.68 14.55
C ILE A 35 -5.62 12.75 13.86
N GLU A 36 -5.50 13.70 12.93
CA GLU A 36 -4.26 13.90 12.19
C GLU A 36 -3.24 14.55 13.14
N ARG A 37 -1.97 14.18 13.00
CA ARG A 37 -0.94 14.76 13.86
C ARG A 37 -0.93 16.28 13.72
N LEU A 38 -1.28 16.77 12.54
CA LEU A 38 -1.28 18.20 12.27
C LEU A 38 -2.24 19.01 13.13
N VAL A 39 -3.22 18.37 13.76
CA VAL A 39 -4.16 19.10 14.63
C VAL A 39 -4.06 18.63 16.08
N ALA A 40 -3.02 17.85 16.38
CA ALA A 40 -2.82 17.30 17.72
C ALA A 40 -1.93 18.14 18.61
N THR A 41 -2.34 18.22 19.88
CA THR A 41 -1.63 18.97 20.91
C THR A 41 -1.71 18.12 22.18
N PRO A 42 -0.75 18.29 23.11
CA PRO A 42 -0.81 17.48 24.34
C PRO A 42 -2.18 17.72 25.00
N ASP A 43 -2.62 18.98 24.99
CA ASP A 43 -3.92 19.32 25.57
C ASP A 43 -5.07 18.68 24.82
N VAL A 44 -5.08 18.84 23.51
CA VAL A 44 -6.14 18.28 22.70
C VAL A 44 -6.26 16.78 22.99
N LEU A 45 -5.12 16.10 22.97
CA LEU A 45 -5.10 14.67 23.22
C LEU A 45 -5.59 14.32 24.62
N ARG A 46 -5.10 15.04 25.63
CA ARG A 46 -5.47 14.77 27.01
C ARG A 46 -6.92 15.13 27.30
N ASP A 47 -7.30 16.37 26.98
CA ASP A 47 -8.65 16.84 27.25
C ASP A 47 -9.74 16.09 26.49
N ASN A 48 -9.43 15.64 25.28
CA ASN A 48 -10.42 14.92 24.50
C ASN A 48 -10.30 13.41 24.57
N PHE A 49 -9.32 12.94 25.36
CA PHE A 49 -9.10 11.50 25.54
C PHE A 49 -8.90 10.77 24.21
N ILE A 50 -8.27 11.43 23.25
CA ILE A 50 -8.04 10.84 21.93
C ILE A 50 -7.43 9.43 21.97
N GLY A 51 -8.09 8.50 21.30
CA GLY A 51 -7.63 7.12 21.30
C GLY A 51 -6.64 6.78 20.23
N SER A 52 -6.48 7.65 19.24
CA SER A 52 -5.56 7.35 18.16
C SER A 52 -5.19 8.54 17.29
N LEU A 53 -3.99 8.49 16.73
CA LEU A 53 -3.52 9.53 15.82
C LEU A 53 -3.03 8.84 14.56
N LEU A 54 -2.95 9.61 13.47
CA LEU A 54 -2.46 9.07 12.21
C LEU A 54 -1.64 10.13 11.51
N SER A 55 -0.91 9.70 10.51
CA SER A 55 -0.10 10.58 9.72
C SER A 55 -0.55 10.29 8.30
N GLY A 56 -1.24 11.25 7.68
CA GLY A 56 -1.68 11.03 6.32
C GLY A 56 -0.54 11.11 5.32
N GLY A 57 -0.80 10.82 4.05
CA GLY A 57 0.27 10.90 3.08
C GLY A 57 1.05 12.20 3.20
N GLY A 58 2.36 12.09 3.32
CA GLY A 58 3.20 13.28 3.43
C GLY A 58 3.22 14.02 4.75
N SER A 59 2.34 13.64 5.69
CA SER A 59 2.28 14.29 7.00
C SER A 59 3.50 13.87 7.85
N VAL A 60 4.55 14.67 7.82
CA VAL A 60 5.76 14.32 8.55
C VAL A 60 6.23 15.44 9.48
N PRO A 61 7.08 15.10 10.48
CA PRO A 61 7.62 16.06 11.45
C PRO A 61 8.29 17.21 10.71
N ARG A 62 9.11 16.85 9.74
CA ARG A 62 9.82 17.80 8.90
C ARG A 62 10.52 17.01 7.81
N LYS A 63 10.70 17.61 6.65
CA LYS A 63 11.38 16.92 5.56
C LYS A 63 12.70 16.33 6.02
N GLY A 64 12.95 15.09 5.60
CA GLY A 64 14.19 14.41 5.94
C GLY A 64 14.39 14.08 7.41
N ALA A 65 13.32 14.05 8.18
CA ALA A 65 13.41 13.74 9.60
C ALA A 65 14.04 12.37 9.83
N THR A 66 14.73 12.18 10.95
CA THR A 66 15.37 10.90 11.26
C THR A 66 14.39 9.98 11.99
N ALA A 67 14.77 8.72 12.17
CA ALA A 67 13.90 7.78 12.87
C ALA A 67 13.72 8.28 14.30
N LYS A 68 14.75 8.88 14.87
CA LYS A 68 14.66 9.37 16.24
C LYS A 68 13.65 10.50 16.29
N GLU A 69 13.65 11.35 15.26
CA GLU A 69 12.71 12.46 15.23
C GLU A 69 11.27 11.94 15.26
N TRP A 70 11.01 10.88 14.49
CA TRP A 70 9.67 10.29 14.48
C TRP A 70 9.36 9.72 15.85
N GLN A 71 10.29 8.95 16.40
CA GLN A 71 10.10 8.35 17.72
C GLN A 71 9.75 9.41 18.76
N ASP A 72 10.47 10.53 18.72
CA ASP A 72 10.22 11.60 19.66
C ASP A 72 8.84 12.21 19.47
N MET A 73 8.43 12.35 18.22
CA MET A 73 7.12 12.89 17.94
C MET A 73 6.03 11.98 18.49
N VAL A 74 6.12 10.70 18.14
CA VAL A 74 5.12 9.74 18.61
C VAL A 74 5.12 9.69 20.12
N ASP A 75 6.30 9.59 20.71
CA ASP A 75 6.40 9.53 22.17
C ASP A 75 5.78 10.76 22.82
N GLY A 76 5.98 11.92 22.18
CA GLY A 76 5.43 13.16 22.71
C GLY A 76 3.91 13.06 22.82
N PHE A 77 3.28 12.61 21.74
CA PHE A 77 1.83 12.45 21.72
C PHE A 77 1.40 11.42 22.75
N GLN A 78 2.16 10.31 22.84
CA GLN A 78 1.83 9.24 23.76
C GLN A 78 1.86 9.70 25.22
N LYS A 79 2.85 10.50 25.59
CA LYS A 79 2.94 10.97 26.97
C LYS A 79 1.69 11.74 27.36
N ALA A 80 1.19 12.54 26.44
CA ALA A 80 -0.02 13.32 26.70
C ALA A 80 -1.17 12.36 27.02
N CYS A 81 -1.36 11.36 26.15
CA CYS A 81 -2.42 10.39 26.34
C CYS A 81 -2.22 9.58 27.61
N MET A 82 -0.98 9.24 27.91
CA MET A 82 -0.72 8.46 29.10
C MET A 82 -1.05 9.26 30.34
N SER A 83 -1.11 10.58 30.21
CA SER A 83 -1.40 11.43 31.36
C SER A 83 -2.90 11.56 31.69
N THR A 84 -3.77 10.92 30.94
CA THR A 84 -5.20 11.01 31.23
C THR A 84 -5.51 10.20 32.50
N ARG A 85 -6.70 10.40 33.04
CA ARG A 85 -7.15 9.71 34.25
C ARG A 85 -6.97 8.20 34.18
N LEU A 86 -7.29 7.61 33.03
CA LEU A 86 -7.15 6.18 32.84
C LEU A 86 -5.82 5.78 32.19
N GLY A 87 -5.15 6.76 31.60
CA GLY A 87 -3.87 6.50 30.95
C GLY A 87 -3.91 5.47 29.84
N ILE A 88 -4.86 5.63 28.91
CA ILE A 88 -5.00 4.71 27.80
C ILE A 88 -4.08 5.17 26.68
N PRO A 89 -3.07 4.36 26.34
CA PRO A 89 -2.14 4.72 25.27
C PRO A 89 -2.83 4.82 23.93
N MET A 90 -2.37 5.75 23.12
CA MET A 90 -2.94 5.95 21.79
C MET A 90 -2.19 5.07 20.79
N ILE A 91 -2.86 4.72 19.71
CA ILE A 91 -2.24 3.89 18.67
C ILE A 91 -2.06 4.81 17.47
N TYR A 92 -0.81 4.96 17.01
CA TYR A 92 -0.50 5.83 15.87
C TYR A 92 -0.49 5.03 14.58
N GLY A 93 -1.29 5.45 13.61
CA GLY A 93 -1.36 4.75 12.35
C GLY A 93 -0.69 5.51 11.21
N ILE A 94 -0.28 4.78 10.18
CA ILE A 94 0.36 5.40 9.03
C ILE A 94 0.27 4.49 7.81
N ASP A 95 0.41 5.08 6.63
CA ASP A 95 0.37 4.31 5.40
C ASP A 95 1.71 3.73 5.00
N ALA A 96 2.06 2.60 5.59
CA ALA A 96 3.29 1.93 5.22
C ALA A 96 2.76 0.82 4.29
N VAL A 97 2.54 1.20 3.02
CA VAL A 97 2.00 0.28 2.03
C VAL A 97 3.02 -0.40 1.11
N HIS A 98 4.26 0.06 1.13
CA HIS A 98 5.34 -0.57 0.37
C HIS A 98 6.63 -0.10 1.02
N GLY A 99 6.67 -0.32 2.33
CA GLY A 99 7.78 0.08 3.18
C GLY A 99 7.21 1.18 4.07
N GLN A 100 8.05 1.81 4.88
CA GLN A 100 7.60 2.92 5.72
C GLN A 100 7.80 4.11 4.80
N ASN A 101 7.07 4.09 3.68
CA ASN A 101 7.16 5.08 2.62
C ASN A 101 7.03 6.58 2.88
N ASN A 102 6.43 6.99 3.98
CA ASN A 102 6.32 8.41 4.27
C ASN A 102 7.67 8.91 4.81
N VAL A 103 8.39 8.00 5.46
CA VAL A 103 9.67 8.29 6.09
C VAL A 103 10.88 8.34 5.17
N TYR A 104 11.67 9.41 5.33
CA TYR A 104 12.87 9.62 4.55
C TYR A 104 13.91 8.55 4.92
N GLY A 105 14.49 7.93 3.90
CA GLY A 105 15.49 6.92 4.15
C GLY A 105 14.92 5.53 4.37
N ALA A 106 13.60 5.39 4.37
CA ALA A 106 13.02 4.06 4.57
C ALA A 106 13.14 3.24 3.30
N THR A 107 13.30 1.94 3.45
CA THR A 107 13.42 1.04 2.31
C THR A 107 12.10 1.07 1.52
N ILE A 108 12.16 1.39 0.23
CA ILE A 108 10.94 1.43 -0.57
C ILE A 108 10.84 0.16 -1.42
N PHE A 109 9.87 -0.67 -1.08
CA PHE A 109 9.63 -1.94 -1.78
C PHE A 109 8.73 -1.73 -3.00
N PRO A 110 8.70 -2.71 -3.92
CA PRO A 110 7.86 -2.60 -5.12
C PRO A 110 6.40 -2.48 -4.69
N HIS A 111 5.58 -1.77 -5.47
CA HIS A 111 4.17 -1.66 -5.13
C HIS A 111 3.49 -3.00 -5.37
N ASN A 112 2.32 -3.19 -4.77
CA ASN A 112 1.60 -4.44 -4.90
C ASN A 112 1.51 -5.14 -6.25
N VAL A 113 1.04 -4.45 -7.29
CA VAL A 113 0.92 -5.09 -8.59
C VAL A 113 2.21 -5.85 -8.94
N GLY A 114 3.35 -5.22 -8.68
CA GLY A 114 4.61 -5.87 -8.97
C GLY A 114 4.82 -7.10 -8.11
N LEU A 115 4.46 -7.01 -6.84
CA LEU A 115 4.61 -8.12 -5.92
C LEU A 115 3.73 -9.30 -6.34
N GLY A 116 2.64 -8.99 -7.05
CA GLY A 116 1.75 -10.03 -7.51
C GLY A 116 2.40 -10.80 -8.65
N ALA A 117 3.21 -10.11 -9.44
CA ALA A 117 3.89 -10.73 -10.57
C ALA A 117 4.93 -11.76 -10.10
N THR A 118 5.34 -11.67 -8.84
CA THR A 118 6.35 -12.59 -8.32
C THR A 118 5.75 -13.94 -7.95
N ARG A 119 4.47 -13.95 -7.63
CA ARG A 119 3.79 -15.17 -7.24
C ARG A 119 4.50 -15.82 -6.04
N ASP A 120 5.17 -15.01 -5.23
CA ASP A 120 5.89 -15.51 -4.08
C ASP A 120 5.31 -14.94 -2.78
N PRO A 121 4.35 -15.65 -2.18
CA PRO A 121 3.75 -15.15 -0.94
C PRO A 121 4.75 -15.04 0.20
N TYR A 122 5.70 -15.97 0.26
CA TYR A 122 6.69 -15.93 1.33
C TYR A 122 7.54 -14.66 1.24
N LEU A 123 7.86 -14.27 0.01
CA LEU A 123 8.64 -13.06 -0.24
C LEU A 123 7.86 -11.89 0.34
N VAL A 124 6.57 -11.82 -0.01
CA VAL A 124 5.71 -10.76 0.48
C VAL A 124 5.66 -10.82 2.01
N LYS A 125 5.59 -12.02 2.57
CA LYS A 125 5.56 -12.14 4.02
C LYS A 125 6.83 -11.53 4.59
N ARG A 126 7.96 -11.84 3.97
CA ARG A 126 9.25 -11.31 4.42
C ARG A 126 9.26 -9.79 4.33
N ILE A 127 8.62 -9.26 3.29
CA ILE A 127 8.54 -7.82 3.11
C ILE A 127 7.75 -7.22 4.27
N GLY A 128 6.65 -7.87 4.64
CA GLY A 128 5.85 -7.40 5.75
C GLY A 128 6.66 -7.37 7.04
N GLU A 129 7.57 -8.33 7.19
CA GLU A 129 8.39 -8.39 8.39
C GLU A 129 9.36 -7.20 8.41
N ALA A 130 10.01 -6.97 7.28
CA ALA A 130 10.95 -5.87 7.15
C ALA A 130 10.24 -4.55 7.37
N THR A 131 9.02 -4.45 6.85
CA THR A 131 8.22 -3.25 6.98
C THR A 131 7.83 -2.92 8.43
N ALA A 132 7.39 -3.92 9.18
CA ALA A 132 7.02 -3.70 10.58
C ALA A 132 8.22 -3.14 11.34
N LEU A 133 9.39 -3.73 11.13
CA LEU A 133 10.59 -3.29 11.80
C LEU A 133 10.88 -1.83 11.47
N GLU A 134 10.77 -1.46 10.20
CA GLU A 134 11.04 -0.09 9.81
C GLU A 134 9.97 0.91 10.28
N VAL A 135 8.75 0.43 10.50
CA VAL A 135 7.69 1.29 11.01
C VAL A 135 7.98 1.49 12.51
N ARG A 136 8.25 0.39 13.22
CA ARG A 136 8.55 0.47 14.64
C ARG A 136 9.82 1.30 14.84
N ALA A 137 10.71 1.28 13.85
CA ALA A 137 11.96 2.04 13.93
C ALA A 137 11.64 3.52 14.09
N THR A 138 10.43 3.91 13.70
CA THR A 138 9.99 5.30 13.82
C THR A 138 8.97 5.45 14.95
N GLY A 139 8.83 4.41 15.76
CA GLY A 139 7.90 4.46 16.88
C GLY A 139 6.43 4.33 16.56
N ILE A 140 6.10 4.02 15.31
CA ILE A 140 4.71 3.87 14.93
C ILE A 140 4.33 2.40 15.10
N GLN A 141 3.10 2.15 15.56
CA GLN A 141 2.68 0.78 15.84
C GLN A 141 1.52 0.22 15.02
N TYR A 142 1.14 0.92 13.95
CA TYR A 142 0.00 0.48 13.15
C TYR A 142 0.17 0.89 11.69
N ALA A 143 0.05 -0.07 10.79
CA ALA A 143 0.19 0.21 9.37
C ALA A 143 -1.10 -0.08 8.62
N PHE A 144 -1.53 0.87 7.78
CA PHE A 144 -2.76 0.70 7.02
C PHE A 144 -2.52 -0.16 5.80
N ALA A 145 -2.18 -1.42 6.04
CA ALA A 145 -1.93 -2.37 4.96
C ALA A 145 -2.24 -3.77 5.48
N PRO A 146 -2.47 -4.74 4.57
CA PRO A 146 -2.44 -4.64 3.11
C PRO A 146 -3.75 -4.24 2.45
N CYS A 147 -3.63 -3.60 1.29
CA CYS A 147 -4.80 -3.22 0.53
C CYS A 147 -5.10 -4.49 -0.25
N ILE A 148 -6.16 -5.19 0.12
CA ILE A 148 -6.49 -6.43 -0.59
C ILE A 148 -7.64 -6.25 -1.57
N ALA A 149 -7.63 -5.13 -2.30
CA ALA A 149 -8.66 -4.88 -3.30
C ALA A 149 -8.33 -5.75 -4.51
N VAL A 150 -9.33 -6.04 -5.32
CA VAL A 150 -9.08 -6.82 -6.52
C VAL A 150 -9.39 -5.91 -7.70
N CYS A 151 -8.40 -5.16 -8.14
CA CYS A 151 -8.57 -4.21 -9.25
C CYS A 151 -9.04 -4.91 -10.51
N ARG A 152 -10.24 -4.54 -10.98
CA ARG A 152 -10.81 -5.14 -12.18
C ARG A 152 -10.83 -4.21 -13.38
N ASP A 153 -10.30 -3.01 -13.21
CA ASP A 153 -10.22 -2.04 -14.29
C ASP A 153 -8.96 -1.21 -14.06
N PRO A 154 -7.94 -1.39 -14.91
CA PRO A 154 -6.66 -0.68 -14.84
C PRO A 154 -6.79 0.84 -14.83
N ARG A 155 -7.94 1.36 -15.24
CA ARG A 155 -8.16 2.80 -15.25
C ARG A 155 -8.25 3.37 -13.84
N TRP A 156 -8.38 2.49 -12.85
CA TRP A 156 -8.45 2.88 -11.45
C TRP A 156 -7.07 3.37 -10.99
N GLY A 157 -7.02 4.59 -10.46
CA GLY A 157 -5.76 5.14 -10.00
C GLY A 157 -5.09 4.37 -8.88
N ARG A 158 -5.79 3.39 -8.32
CA ARG A 158 -5.23 2.61 -7.23
C ARG A 158 -4.97 1.15 -7.63
N CYS A 159 -5.02 0.88 -8.93
CA CYS A 159 -4.81 -0.49 -9.41
C CYS A 159 -3.44 -1.00 -9.00
N TYR A 160 -2.43 -0.14 -8.98
CA TYR A 160 -1.09 -0.56 -8.59
C TYR A 160 -1.02 -1.03 -7.13
N GLU A 161 -2.04 -0.69 -6.35
CA GLU A 161 -2.10 -1.12 -4.96
C GLU A 161 -2.80 -2.47 -4.85
N SER A 162 -3.10 -3.07 -6.00
CA SER A 162 -3.76 -4.37 -6.03
C SER A 162 -2.78 -5.43 -6.56
N TYR A 163 -2.67 -6.53 -5.82
CA TYR A 163 -1.77 -7.60 -6.21
C TYR A 163 -2.20 -8.20 -7.54
N SER A 164 -3.50 -8.31 -7.77
CA SER A 164 -3.98 -8.90 -9.02
C SER A 164 -5.46 -8.69 -9.30
N GLU A 165 -5.88 -9.08 -10.50
CA GLU A 165 -7.29 -8.98 -10.87
C GLU A 165 -7.91 -10.33 -10.56
N ASP A 166 -7.06 -11.24 -10.11
CA ASP A 166 -7.45 -12.60 -9.76
C ASP A 166 -7.45 -12.77 -8.24
N ARG A 167 -8.64 -12.79 -7.64
CA ARG A 167 -8.74 -12.92 -6.19
C ARG A 167 -7.84 -14.00 -5.61
N ARG A 168 -7.69 -15.11 -6.31
CA ARG A 168 -6.83 -16.19 -5.85
C ARG A 168 -5.42 -15.69 -5.54
N ILE A 169 -4.89 -14.82 -6.39
CA ILE A 169 -3.56 -14.29 -6.17
C ILE A 169 -3.55 -13.31 -4.99
N VAL A 170 -4.58 -12.49 -4.89
CA VAL A 170 -4.68 -11.54 -3.79
C VAL A 170 -4.81 -12.29 -2.47
N GLN A 171 -5.55 -13.40 -2.49
CA GLN A 171 -5.72 -14.18 -1.26
C GLN A 171 -4.35 -14.66 -0.78
N SER A 172 -3.56 -15.19 -1.72
CA SER A 172 -2.26 -15.71 -1.37
C SER A 172 -1.32 -14.66 -0.81
N MET A 173 -1.48 -13.41 -1.25
CA MET A 173 -0.60 -12.33 -0.76
C MET A 173 -0.97 -11.78 0.61
N THR A 174 -2.03 -12.30 1.21
CA THR A 174 -2.42 -11.84 2.55
C THR A 174 -1.35 -12.28 3.54
N GLU A 175 -0.32 -12.93 3.01
CA GLU A 175 0.78 -13.38 3.85
C GLU A 175 1.56 -12.19 4.39
N LEU A 176 1.25 -11.00 3.88
CA LEU A 176 1.91 -9.80 4.35
C LEU A 176 1.48 -9.57 5.80
N ILE A 177 0.23 -9.93 6.08
CA ILE A 177 -0.32 -9.76 7.43
C ILE A 177 0.49 -10.47 8.51
N PRO A 178 0.75 -11.78 8.35
CA PRO A 178 1.54 -12.46 9.38
C PRO A 178 2.95 -11.88 9.43
N GLY A 179 3.36 -11.25 8.33
CA GLY A 179 4.67 -10.64 8.27
C GLY A 179 4.67 -9.41 9.16
N LEU A 180 3.63 -8.60 9.01
CA LEU A 180 3.47 -7.38 9.78
C LEU A 180 3.12 -7.63 11.24
N GLN A 181 2.17 -8.51 11.50
CA GLN A 181 1.74 -8.77 12.86
C GLN A 181 2.45 -9.93 13.54
N GLY A 182 2.96 -10.86 12.75
CA GLY A 182 3.62 -12.02 13.29
C GLY A 182 2.65 -13.17 13.15
N ASP A 183 3.15 -14.40 13.15
CA ASP A 183 2.27 -15.56 13.01
C ASP A 183 1.39 -15.80 14.22
N VAL A 184 0.14 -16.17 13.96
CA VAL A 184 -0.83 -16.44 15.03
C VAL A 184 -0.59 -17.84 15.58
N PRO A 185 -0.89 -18.04 16.88
CA PRO A 185 -0.70 -19.36 17.49
C PRO A 185 -1.49 -20.41 16.71
N LYS A 186 -1.17 -21.68 16.89
CA LYS A 186 -1.86 -22.72 16.14
C LYS A 186 -3.32 -22.91 16.55
N ASP A 187 -3.63 -22.57 17.80
CA ASP A 187 -5.00 -22.69 18.31
C ASP A 187 -5.90 -21.59 17.73
N PHE A 188 -5.32 -20.41 17.54
CA PHE A 188 -5.99 -19.21 17.02
C PHE A 188 -7.35 -19.33 16.35
N THR A 189 -8.29 -18.49 16.79
CA THR A 189 -9.64 -18.46 16.23
C THR A 189 -9.73 -17.41 15.12
N SER A 190 -10.23 -17.81 13.96
CA SER A 190 -10.36 -16.86 12.85
C SER A 190 -11.23 -15.70 13.30
N GLY A 191 -10.83 -14.48 12.96
CA GLY A 191 -11.62 -13.32 13.33
C GLY A 191 -11.03 -12.51 14.48
N MET A 192 -10.24 -13.14 15.34
CA MET A 192 -9.64 -12.44 16.46
C MET A 192 -8.44 -11.62 15.99
N PRO A 193 -8.18 -10.47 16.65
CA PRO A 193 -7.04 -9.66 16.24
C PRO A 193 -5.77 -10.24 16.85
N PHE A 194 -4.61 -9.92 16.28
CA PHE A 194 -3.34 -10.44 16.79
C PHE A 194 -2.13 -9.62 16.36
N VAL A 195 -1.17 -9.52 17.28
CA VAL A 195 0.09 -8.82 17.06
C VAL A 195 1.07 -9.42 18.06
N ALA A 196 2.17 -9.98 17.54
CA ALA A 196 3.20 -10.63 18.36
C ALA A 196 3.77 -9.82 19.51
N GLY A 197 4.04 -8.54 19.26
CA GLY A 197 4.59 -7.73 20.32
C GLY A 197 5.11 -6.40 19.85
N LYS A 198 5.97 -5.80 20.66
CA LYS A 198 6.51 -4.48 20.37
C LYS A 198 7.35 -4.39 19.10
N ASN A 199 7.75 -5.51 18.53
CA ASN A 199 8.57 -5.47 17.33
C ASN A 199 7.76 -5.76 16.06
N LYS A 200 6.44 -5.76 16.24
CA LYS A 200 5.50 -6.00 15.16
C LYS A 200 4.46 -4.87 15.20
N VAL A 201 3.63 -4.81 14.17
CA VAL A 201 2.61 -3.77 14.08
C VAL A 201 1.23 -4.34 13.78
N ALA A 202 0.20 -3.55 14.09
CA ALA A 202 -1.17 -3.94 13.81
C ALA A 202 -1.36 -3.70 12.32
N ALA A 203 -2.03 -4.62 11.65
CA ALA A 203 -2.26 -4.49 10.21
C ALA A 203 -3.67 -3.98 9.91
N CYS A 204 -3.92 -3.70 8.64
CA CYS A 204 -5.23 -3.21 8.23
C CYS A 204 -5.62 -3.69 6.85
N ALA A 205 -6.64 -4.55 6.79
CA ALA A 205 -7.11 -5.07 5.51
C ALA A 205 -8.05 -4.03 4.94
N LYS A 206 -7.73 -3.50 3.77
CA LYS A 206 -8.54 -2.45 3.15
C LYS A 206 -8.68 -2.64 1.64
N HIS A 207 -9.73 -2.07 1.03
CA HIS A 207 -10.80 -1.30 1.66
C HIS A 207 -12.11 -2.07 1.50
N PHE A 208 -12.70 -2.44 2.65
CA PHE A 208 -13.94 -3.20 2.72
C PHE A 208 -15.15 -2.45 2.15
N VAL A 209 -15.72 -2.89 1.03
CA VAL A 209 -15.32 -4.04 0.23
C VAL A 209 -15.67 -3.75 -1.23
N GLY A 210 -14.96 -4.37 -2.16
CA GLY A 210 -15.23 -4.17 -3.57
C GLY A 210 -14.68 -2.87 -4.11
N ASP A 211 -13.69 -2.31 -3.43
CA ASP A 211 -13.07 -1.06 -3.86
C ASP A 211 -12.40 -1.24 -5.23
N GLY A 212 -11.99 -2.45 -5.54
CA GLY A 212 -11.35 -2.71 -6.81
C GLY A 212 -12.35 -3.03 -7.91
N GLY A 213 -13.62 -2.74 -7.67
CA GLY A 213 -14.63 -3.02 -8.67
C GLY A 213 -15.53 -1.87 -9.10
N THR A 214 -15.08 -0.63 -8.98
CA THR A 214 -15.92 0.51 -9.40
C THR A 214 -15.99 0.57 -10.91
N VAL A 215 -17.09 1.08 -11.44
CA VAL A 215 -17.30 1.19 -12.88
C VAL A 215 -16.26 2.12 -13.52
N ASP A 216 -15.66 1.65 -14.61
CA ASP A 216 -14.64 2.41 -15.36
C ASP A 216 -13.46 2.75 -14.47
N GLY A 217 -13.31 1.99 -13.39
CA GLY A 217 -12.22 2.21 -12.46
C GLY A 217 -12.25 3.57 -11.80
N ILE A 218 -13.40 4.24 -11.84
CA ILE A 218 -13.52 5.55 -11.22
C ILE A 218 -13.41 5.35 -9.72
N ASN A 219 -12.39 5.95 -9.12
CA ASN A 219 -12.15 5.82 -7.68
C ASN A 219 -13.30 6.30 -6.82
N GLU A 220 -13.46 5.67 -5.66
CA GLU A 220 -14.50 6.03 -4.70
C GLU A 220 -15.90 6.00 -5.30
N ASN A 221 -16.03 5.39 -6.48
CA ASN A 221 -17.32 5.33 -7.15
C ASN A 221 -18.21 4.16 -6.72
N ASN A 222 -19.13 3.78 -7.60
CA ASN A 222 -20.06 2.70 -7.31
C ASN A 222 -19.66 1.39 -7.97
N THR A 223 -19.74 0.31 -7.20
CA THR A 223 -19.40 -1.02 -7.69
C THR A 223 -20.72 -1.74 -7.97
N ILE A 224 -21.08 -1.81 -9.24
CA ILE A 224 -22.33 -2.47 -9.62
C ILE A 224 -22.10 -3.94 -9.92
N ILE A 225 -22.60 -4.81 -9.04
CA ILE A 225 -22.43 -6.25 -9.19
C ILE A 225 -23.31 -6.97 -8.17
N ASN A 226 -23.76 -8.18 -8.50
CA ASN A 226 -24.60 -8.92 -7.57
C ASN A 226 -23.78 -9.44 -6.40
N ARG A 227 -24.46 -9.82 -5.33
CA ARG A 227 -23.80 -10.34 -4.14
C ARG A 227 -23.01 -11.60 -4.48
N GLU A 228 -23.31 -12.17 -5.65
CA GLU A 228 -22.64 -13.38 -6.11
C GLU A 228 -21.18 -13.05 -6.45
N GLY A 229 -21.00 -12.00 -7.24
CA GLY A 229 -19.66 -11.59 -7.64
C GLY A 229 -18.94 -10.85 -6.53
N LEU A 230 -19.71 -10.13 -5.72
CA LEU A 230 -19.14 -9.39 -4.61
C LEU A 230 -18.46 -10.41 -3.71
N MET A 231 -19.18 -11.48 -3.41
CA MET A 231 -18.70 -12.54 -2.55
C MET A 231 -17.71 -13.49 -3.23
N ASN A 232 -17.78 -13.56 -4.55
CA ASN A 232 -16.91 -14.44 -5.32
C ASN A 232 -15.56 -13.80 -5.65
N ILE A 233 -15.59 -12.50 -5.95
CA ILE A 233 -14.39 -11.78 -6.32
C ILE A 233 -13.74 -10.91 -5.23
N HIS A 234 -14.48 -9.91 -4.74
CA HIS A 234 -13.90 -9.00 -3.77
C HIS A 234 -13.91 -9.38 -2.30
N MET A 235 -14.63 -10.43 -1.93
CA MET A 235 -14.71 -10.81 -0.53
C MET A 235 -13.69 -11.84 -0.03
N PRO A 236 -13.38 -12.88 -0.83
CA PRO A 236 -12.42 -13.91 -0.43
C PRO A 236 -11.24 -13.50 0.45
N ALA A 237 -10.35 -12.67 -0.08
CA ALA A 237 -9.17 -12.22 0.66
C ALA A 237 -9.44 -11.81 2.13
N TYR A 238 -10.62 -11.25 2.39
CA TYR A 238 -10.97 -10.82 3.73
C TYR A 238 -11.11 -12.02 4.67
N LYS A 239 -11.66 -13.11 4.15
CA LYS A 239 -11.81 -14.31 4.95
C LYS A 239 -10.43 -14.82 5.34
N ASN A 240 -9.46 -14.64 4.45
CA ASN A 240 -8.09 -15.06 4.72
C ASN A 240 -7.49 -14.16 5.80
N ALA A 241 -7.80 -12.87 5.73
CA ALA A 241 -7.30 -11.92 6.71
C ALA A 241 -7.84 -12.31 8.09
N MET A 242 -9.09 -12.76 8.13
CA MET A 242 -9.70 -13.18 9.39
C MET A 242 -8.91 -14.35 9.98
N ASP A 243 -8.56 -15.32 9.13
CA ASP A 243 -7.80 -16.50 9.58
C ASP A 243 -6.40 -16.15 10.03
N LYS A 244 -5.86 -15.07 9.49
CA LYS A 244 -4.50 -14.69 9.85
C LYS A 244 -4.46 -13.62 10.93
N GLY A 245 -5.62 -13.36 11.52
CA GLY A 245 -5.73 -12.40 12.61
C GLY A 245 -5.51 -10.93 12.31
N VAL A 246 -5.92 -10.47 11.14
CA VAL A 246 -5.74 -9.07 10.81
C VAL A 246 -6.40 -8.25 11.93
N SER A 247 -5.63 -7.36 12.54
CA SER A 247 -6.12 -6.53 13.66
C SER A 247 -7.26 -5.55 13.34
N THR A 248 -7.17 -4.86 12.22
CA THR A 248 -8.21 -3.90 11.85
C THR A 248 -8.65 -4.05 10.40
N VAL A 249 -9.71 -3.33 10.05
CA VAL A 249 -10.26 -3.32 8.70
C VAL A 249 -10.74 -1.90 8.43
N MET A 250 -10.33 -1.35 7.29
CA MET A 250 -10.74 -0.01 6.91
C MET A 250 -11.85 -0.10 5.87
N ILE A 251 -12.86 0.75 6.01
CA ILE A 251 -13.97 0.75 5.08
C ILE A 251 -13.67 1.62 3.85
N SER A 252 -14.14 1.17 2.69
CA SER A 252 -13.94 1.85 1.42
C SER A 252 -14.86 3.05 1.21
N TYR A 253 -14.39 4.03 0.45
CA TYR A 253 -15.17 5.22 0.12
C TYR A 253 -16.25 4.83 -0.87
N SER A 254 -15.97 3.77 -1.62
CA SER A 254 -16.88 3.28 -2.65
C SER A 254 -18.22 2.79 -2.14
N SER A 255 -19.13 2.57 -3.08
CA SER A 255 -20.46 2.09 -2.76
C SER A 255 -20.65 0.74 -3.43
N TRP A 256 -21.69 0.02 -3.00
CA TRP A 256 -22.01 -1.27 -3.58
C TRP A 256 -23.50 -1.24 -3.94
N ASN A 257 -23.76 -1.18 -5.24
CA ASN A 257 -25.13 -1.11 -5.73
C ASN A 257 -25.80 0.14 -5.17
N GLY A 258 -25.08 1.25 -5.22
CA GLY A 258 -25.62 2.53 -4.76
C GLY A 258 -25.52 2.85 -3.28
N VAL A 259 -25.12 1.88 -2.45
CA VAL A 259 -25.01 2.13 -1.01
C VAL A 259 -23.58 2.41 -0.57
N LYS A 260 -23.37 3.54 0.11
CA LYS A 260 -22.05 3.88 0.60
C LYS A 260 -21.58 2.80 1.57
N MET A 261 -20.35 2.32 1.41
CA MET A 261 -19.83 1.29 2.33
C MET A 261 -19.83 1.79 3.78
N HIS A 262 -19.44 3.04 3.95
CA HIS A 262 -19.38 3.67 5.28
C HIS A 262 -20.75 3.75 5.94
N ALA A 263 -21.78 3.26 5.26
CA ALA A 263 -23.13 3.28 5.79
C ALA A 263 -23.85 1.95 5.61
N ASN A 264 -23.12 0.94 5.15
CA ASN A 264 -23.72 -0.37 4.93
C ASN A 264 -23.64 -1.25 6.16
N GLN A 265 -24.71 -1.24 6.96
CA GLN A 265 -24.77 -2.04 8.17
C GLN A 265 -24.83 -3.53 7.89
N ASP A 266 -25.39 -3.91 6.74
CA ASP A 266 -25.49 -5.31 6.38
C ASP A 266 -24.11 -5.94 6.20
N LEU A 267 -23.25 -5.24 5.47
CA LEU A 267 -21.91 -5.74 5.22
C LEU A 267 -20.96 -5.59 6.40
N VAL A 268 -20.85 -4.37 6.92
CA VAL A 268 -19.95 -4.11 8.04
C VAL A 268 -20.33 -4.89 9.30
N THR A 269 -21.58 -4.77 9.74
CA THR A 269 -22.00 -5.47 10.95
C THR A 269 -22.57 -6.86 10.67
N GLY A 270 -23.53 -6.93 9.75
CA GLY A 270 -24.14 -8.21 9.43
C GLY A 270 -23.17 -9.27 8.93
N TYR A 271 -22.31 -8.88 7.99
CA TYR A 271 -21.35 -9.82 7.42
C TYR A 271 -19.97 -9.85 8.06
N LEU A 272 -19.23 -8.76 7.95
CA LEU A 272 -17.89 -8.70 8.51
C LEU A 272 -17.80 -9.07 9.98
N LYS A 273 -18.67 -8.50 10.80
CA LYS A 273 -18.64 -8.79 12.23
C LYS A 273 -19.42 -10.04 12.62
N ASP A 274 -20.69 -10.11 12.21
CA ASP A 274 -21.53 -11.25 12.57
C ASP A 274 -21.25 -12.55 11.80
N THR A 275 -21.01 -12.45 10.50
CA THR A 275 -20.75 -13.65 9.73
C THR A 275 -19.28 -14.06 9.78
N LEU A 276 -18.38 -13.17 9.36
CA LEU A 276 -16.95 -13.47 9.38
C LEU A 276 -16.38 -13.53 10.80
N LYS A 277 -17.18 -13.09 11.76
CA LYS A 277 -16.80 -13.09 13.16
C LYS A 277 -15.56 -12.26 13.47
N PHE A 278 -15.43 -11.12 12.80
CA PHE A 278 -14.29 -10.23 13.00
C PHE A 278 -14.38 -9.65 14.42
N LYS A 279 -13.27 -9.72 15.14
CA LYS A 279 -13.19 -9.24 16.51
C LYS A 279 -12.33 -8.00 16.70
N GLY A 280 -11.53 -7.65 15.68
CA GLY A 280 -10.70 -6.47 15.80
C GLY A 280 -11.58 -5.25 15.60
N PHE A 281 -10.98 -4.09 15.31
CA PHE A 281 -11.81 -2.91 15.11
C PHE A 281 -11.87 -2.41 13.67
N VAL A 282 -13.03 -1.86 13.33
CA VAL A 282 -13.29 -1.32 12.00
C VAL A 282 -13.03 0.18 12.03
N ILE A 283 -12.15 0.65 11.15
CA ILE A 283 -11.81 2.06 11.07
C ILE A 283 -12.32 2.63 9.76
N SER A 284 -12.58 3.94 9.73
CA SER A 284 -13.05 4.59 8.52
C SER A 284 -11.86 5.09 7.70
N ASP A 285 -12.16 5.66 6.55
CA ASP A 285 -11.10 6.21 5.71
C ASP A 285 -11.19 7.71 5.93
N TRP A 286 -10.17 8.42 5.46
CA TRP A 286 -10.06 9.87 5.57
C TRP A 286 -11.36 10.57 5.14
N GLU A 287 -12.08 11.10 6.12
CA GLU A 287 -13.34 11.79 5.84
C GLU A 287 -14.31 10.83 5.12
N GLY A 288 -14.16 9.53 5.36
CA GLY A 288 -15.03 8.57 4.73
C GLY A 288 -16.49 8.81 5.03
N ILE A 289 -16.81 9.13 6.29
CA ILE A 289 -18.20 9.38 6.68
C ILE A 289 -18.72 10.70 6.11
N ASP A 290 -17.83 11.67 5.90
CA ASP A 290 -18.24 12.96 5.34
C ASP A 290 -18.81 12.69 3.95
N ARG A 291 -18.15 11.80 3.23
CA ARG A 291 -18.51 11.48 1.86
C ARG A 291 -19.72 10.57 1.70
N ILE A 292 -20.34 10.19 2.81
CA ILE A 292 -21.53 9.35 2.74
C ILE A 292 -22.58 10.18 2.03
N THR A 293 -22.66 11.45 2.40
CA THR A 293 -23.60 12.38 1.82
C THR A 293 -22.97 13.03 0.61
N THR A 294 -23.77 13.79 -0.12
CA THR A 294 -23.30 14.48 -1.30
C THR A 294 -24.14 15.75 -1.48
N PRO A 295 -23.50 16.92 -1.41
CA PRO A 295 -22.06 17.14 -1.20
C PRO A 295 -21.52 16.44 0.06
N ALA A 296 -20.21 16.25 0.09
CA ALA A 296 -19.59 15.61 1.23
C ALA A 296 -19.66 16.57 2.40
N GLY A 297 -19.90 16.03 3.59
CA GLY A 297 -19.99 16.86 4.77
C GLY A 297 -21.18 17.81 4.83
N SER A 298 -22.14 17.65 3.93
CA SER A 298 -23.31 18.53 3.92
C SER A 298 -24.35 18.15 4.98
N ASP A 299 -23.99 17.21 5.85
CA ASP A 299 -24.88 16.76 6.91
C ASP A 299 -24.06 15.84 7.81
N TYR A 300 -23.02 16.40 8.42
CA TYR A 300 -22.14 15.62 9.28
C TYR A 300 -22.92 14.87 10.34
N SER A 301 -23.99 15.49 10.83
CA SER A 301 -24.82 14.85 11.84
C SER A 301 -25.24 13.48 11.32
N TYR A 302 -25.76 13.44 10.11
CA TYR A 302 -26.20 12.20 9.50
C TYR A 302 -25.01 11.25 9.31
N SER A 303 -23.88 11.81 8.90
CA SER A 303 -22.67 11.02 8.69
C SER A 303 -22.30 10.21 9.91
N VAL A 304 -22.29 10.85 11.07
CA VAL A 304 -21.94 10.17 12.31
C VAL A 304 -22.95 9.09 12.65
N LYS A 305 -24.23 9.40 12.50
CA LYS A 305 -25.28 8.44 12.81
C LYS A 305 -25.18 7.19 11.94
N ALA A 306 -25.22 7.41 10.63
CA ALA A 306 -25.15 6.31 9.67
C ALA A 306 -23.92 5.42 9.87
N SER A 307 -22.74 6.04 9.90
CA SER A 307 -21.50 5.31 10.04
C SER A 307 -21.42 4.50 11.34
N ILE A 308 -21.64 5.15 12.47
CA ILE A 308 -21.56 4.46 13.73
C ILE A 308 -22.59 3.33 13.84
N LEU A 309 -23.85 3.60 13.46
CA LEU A 309 -24.86 2.55 13.52
C LEU A 309 -24.55 1.45 12.51
N ALA A 310 -23.84 1.80 11.44
CA ALA A 310 -23.47 0.83 10.43
C ALA A 310 -22.51 -0.20 11.03
N GLY A 311 -21.74 0.23 12.03
CA GLY A 311 -20.81 -0.69 12.66
C GLY A 311 -19.36 -0.25 12.81
N LEU A 312 -18.99 0.90 12.24
CA LEU A 312 -17.62 1.36 12.35
C LEU A 312 -17.30 1.63 13.83
N ASP A 313 -16.05 1.35 14.23
CA ASP A 313 -15.64 1.54 15.61
C ASP A 313 -14.77 2.77 15.85
N MET A 314 -13.89 3.06 14.90
CA MET A 314 -12.99 4.21 15.02
C MET A 314 -13.14 5.08 13.79
N ILE A 315 -13.26 6.38 14.00
CA ILE A 315 -13.43 7.28 12.88
C ILE A 315 -12.19 8.12 12.60
N MET A 316 -11.75 8.05 11.35
CA MET A 316 -10.60 8.81 10.90
C MET A 316 -11.18 10.16 10.48
N VAL A 317 -11.37 11.03 11.47
CA VAL A 317 -11.98 12.33 11.23
C VAL A 317 -11.46 13.10 9.99
N PRO A 318 -10.19 13.54 9.99
CA PRO A 318 -9.14 13.42 11.00
C PRO A 318 -8.80 14.80 11.57
N ASN A 319 -9.55 15.82 11.18
CA ASN A 319 -9.29 17.19 11.64
C ASN A 319 -10.34 17.78 12.58
N LYS A 320 -11.59 17.89 12.11
CA LYS A 320 -12.65 18.45 12.94
C LYS A 320 -13.10 17.45 14.01
N TYR A 321 -12.20 17.12 14.93
CA TYR A 321 -12.52 16.20 16.00
C TYR A 321 -13.55 16.79 16.96
N GLN A 322 -13.52 18.12 17.10
CA GLN A 322 -14.47 18.77 17.99
C GLN A 322 -15.89 18.51 17.51
N GLN A 323 -16.10 18.75 16.21
CA GLN A 323 -17.41 18.55 15.59
C GLN A 323 -17.84 17.09 15.73
N PHE A 324 -16.92 16.18 15.44
CA PHE A 324 -17.19 14.75 15.53
C PHE A 324 -17.58 14.32 16.94
N ILE A 325 -16.79 14.71 17.93
CA ILE A 325 -17.07 14.34 19.31
C ILE A 325 -18.34 14.99 19.82
N SER A 326 -18.53 16.26 19.49
CA SER A 326 -19.72 16.97 19.93
C SER A 326 -20.97 16.27 19.42
N ILE A 327 -20.99 16.01 18.11
CA ILE A 327 -22.13 15.36 17.48
C ILE A 327 -22.40 13.93 17.97
N LEU A 328 -21.34 13.13 18.07
CA LEU A 328 -21.53 11.76 18.53
C LEU A 328 -22.08 11.77 19.96
N THR A 329 -21.58 12.70 20.77
CA THR A 329 -22.04 12.82 22.15
C THR A 329 -23.54 13.13 22.17
N GLY A 330 -23.95 14.12 21.37
CA GLY A 330 -25.35 14.48 21.31
C GLY A 330 -26.22 13.29 20.96
N HIS A 331 -25.81 12.54 19.96
CA HIS A 331 -26.57 11.37 19.53
C HIS A 331 -26.71 10.33 20.64
N VAL A 332 -25.66 10.15 21.42
CA VAL A 332 -25.71 9.19 22.51
C VAL A 332 -26.63 9.75 23.59
N ASN A 333 -26.42 11.01 23.97
CA ASN A 333 -27.25 11.64 24.99
C ASN A 333 -28.74 11.61 24.59
N GLY A 334 -29.00 11.66 23.29
CA GLY A 334 -30.37 11.65 22.81
C GLY A 334 -30.97 10.28 22.55
N GLY A 335 -30.20 9.22 22.75
CA GLY A 335 -30.72 7.88 22.53
C GLY A 335 -30.68 7.41 21.08
N VAL A 336 -30.27 8.28 20.17
CA VAL A 336 -30.19 7.94 18.75
C VAL A 336 -29.18 6.82 18.49
N ILE A 337 -28.12 6.77 19.30
CA ILE A 337 -27.11 5.72 19.21
C ILE A 337 -27.02 5.13 20.60
N PRO A 338 -27.33 3.83 20.74
CA PRO A 338 -27.31 3.14 22.02
C PRO A 338 -25.91 2.93 22.61
N MET A 339 -25.82 2.97 23.93
CA MET A 339 -24.55 2.77 24.60
C MET A 339 -23.91 1.43 24.19
N SER A 340 -24.74 0.47 23.77
CA SER A 340 -24.20 -0.83 23.37
C SER A 340 -23.35 -0.68 22.10
N ARG A 341 -23.75 0.21 21.21
CA ARG A 341 -23.00 0.44 19.98
C ARG A 341 -21.63 1.00 20.39
N ILE A 342 -21.65 2.01 21.25
CA ILE A 342 -20.43 2.65 21.74
C ILE A 342 -19.58 1.64 22.49
N ASP A 343 -20.20 0.88 23.39
CA ASP A 343 -19.45 -0.12 24.16
C ASP A 343 -18.78 -1.15 23.24
N ASP A 344 -19.51 -1.59 22.23
CA ASP A 344 -18.94 -2.56 21.30
C ASP A 344 -17.71 -1.99 20.59
N ALA A 345 -17.84 -0.77 20.08
CA ALA A 345 -16.75 -0.09 19.39
C ALA A 345 -15.52 0.05 20.30
N VAL A 346 -15.74 0.48 21.54
CA VAL A 346 -14.65 0.65 22.47
C VAL A 346 -14.07 -0.71 22.87
N THR A 347 -14.93 -1.71 22.97
CA THR A 347 -14.48 -3.06 23.32
C THR A 347 -13.44 -3.53 22.28
N ARG A 348 -13.74 -3.34 21.01
CA ARG A 348 -12.86 -3.77 19.92
C ARG A 348 -11.55 -3.00 19.85
N ILE A 349 -11.62 -1.68 20.07
CA ILE A 349 -10.41 -0.85 20.02
C ILE A 349 -9.47 -1.25 21.16
N LEU A 350 -10.03 -1.45 22.35
CA LEU A 350 -9.23 -1.82 23.50
C LEU A 350 -8.67 -3.22 23.34
N ARG A 351 -9.49 -4.12 22.79
CA ARG A 351 -9.03 -5.49 22.58
C ARG A 351 -7.74 -5.49 21.76
N VAL A 352 -7.76 -4.72 20.67
CA VAL A 352 -6.60 -4.63 19.78
C VAL A 352 -5.39 -4.05 20.52
N LYS A 353 -5.60 -2.96 21.26
CA LYS A 353 -4.51 -2.33 21.99
C LYS A 353 -3.90 -3.23 23.07
N PHE A 354 -4.75 -3.93 23.80
CA PHE A 354 -4.25 -4.84 24.84
C PHE A 354 -3.50 -5.98 24.19
N THR A 355 -4.12 -6.60 23.19
CA THR A 355 -3.52 -7.73 22.49
C THR A 355 -2.12 -7.44 21.96
N MET A 356 -1.93 -6.28 21.35
CA MET A 356 -0.63 -5.94 20.80
C MET A 356 0.37 -5.50 21.86
N GLY A 357 -0.07 -5.48 23.12
CA GLY A 357 0.83 -5.08 24.19
C GLY A 357 1.04 -3.58 24.34
N LEU A 358 0.18 -2.79 23.71
CA LEU A 358 0.28 -1.34 23.78
C LEU A 358 0.37 -0.80 25.21
N PHE A 359 -0.40 -1.38 26.13
CA PHE A 359 -0.39 -0.92 27.52
C PHE A 359 0.94 -1.24 28.19
N GLU A 360 1.63 -2.26 27.70
CA GLU A 360 2.93 -2.62 28.27
C GLU A 360 4.07 -1.85 27.61
N ASN A 361 3.95 -1.59 26.31
CA ASN A 361 4.98 -0.85 25.60
C ASN A 361 4.40 0.29 24.77
N PRO A 362 3.95 1.35 25.48
CA PRO A 362 3.34 2.55 24.90
C PRO A 362 4.35 3.44 24.19
N TYR A 363 5.62 3.26 24.51
CA TYR A 363 6.65 4.09 23.93
C TYR A 363 7.61 3.43 22.94
N ALA A 364 8.24 4.25 22.11
CA ALA A 364 9.16 3.78 21.10
C ALA A 364 10.45 3.25 21.70
N ASP A 365 11.12 2.36 20.96
CA ASP A 365 12.37 1.76 21.39
C ASP A 365 13.50 2.35 20.54
N PRO A 366 14.38 3.14 21.16
CA PRO A 366 15.52 3.77 20.48
C PRO A 366 16.37 2.76 19.72
N ALA A 367 16.52 1.57 20.30
CA ALA A 367 17.33 0.53 19.68
C ALA A 367 16.81 0.15 18.30
N MET A 368 15.54 0.43 18.03
CA MET A 368 14.93 0.10 16.75
C MET A 368 15.22 1.12 15.64
N ALA A 369 15.77 2.28 16.00
CA ALA A 369 16.05 3.31 15.00
C ALA A 369 16.83 2.80 13.80
N GLU A 370 17.88 2.02 14.05
CA GLU A 370 18.73 1.46 12.99
C GLU A 370 17.99 0.58 11.98
N GLN A 371 16.78 0.16 12.33
CA GLN A 371 16.02 -0.69 11.42
C GLN A 371 15.64 0.05 10.14
N LEU A 372 15.46 1.36 10.25
CA LEU A 372 15.09 2.17 9.10
C LEU A 372 16.16 2.14 8.02
N GLY A 373 15.79 1.63 6.84
CA GLY A 373 16.73 1.56 5.74
C GLY A 373 17.88 0.58 5.92
N LYS A 374 17.73 -0.38 6.82
CA LYS A 374 18.80 -1.35 7.04
C LYS A 374 19.09 -2.06 5.72
N GLN A 375 20.37 -2.18 5.38
CA GLN A 375 20.79 -2.81 4.13
C GLN A 375 20.08 -4.13 3.82
N GLU A 376 19.95 -5.01 4.81
CA GLU A 376 19.27 -6.28 4.58
C GLU A 376 17.88 -6.04 4.00
N HIS A 377 17.16 -5.06 4.53
CA HIS A 377 15.82 -4.78 4.04
C HIS A 377 15.93 -4.38 2.58
N ARG A 378 16.87 -3.50 2.27
CA ARG A 378 17.07 -3.05 0.90
C ARG A 378 17.42 -4.24 0.00
N ASP A 379 18.22 -5.18 0.51
CA ASP A 379 18.58 -6.36 -0.27
C ASP A 379 17.30 -7.14 -0.58
N LEU A 380 16.41 -7.23 0.42
CA LEU A 380 15.14 -7.92 0.25
C LEU A 380 14.33 -7.22 -0.83
N ALA A 381 14.29 -5.89 -0.75
CA ALA A 381 13.54 -5.09 -1.71
C ALA A 381 14.12 -5.33 -3.09
N ARG A 382 15.45 -5.36 -3.15
CA ARG A 382 16.15 -5.58 -4.41
C ARG A 382 15.67 -6.90 -5.00
N GLU A 383 15.62 -7.94 -4.19
CA GLU A 383 15.17 -9.24 -4.64
C GLU A 383 13.73 -9.17 -5.16
N ALA A 384 12.85 -8.50 -4.43
CA ALA A 384 11.47 -8.38 -4.85
C ALA A 384 11.35 -7.67 -6.19
N ALA A 385 12.09 -6.58 -6.35
CA ALA A 385 12.06 -5.82 -7.59
C ALA A 385 12.45 -6.73 -8.75
N ARG A 386 13.57 -7.43 -8.61
CA ARG A 386 14.04 -8.34 -9.65
C ARG A 386 12.94 -9.34 -10.02
N LYS A 387 12.38 -9.99 -9.01
CA LYS A 387 11.35 -10.98 -9.20
C LYS A 387 10.01 -10.45 -9.72
N SER A 388 9.79 -9.14 -9.64
CA SER A 388 8.53 -8.59 -10.12
C SER A 388 8.57 -8.22 -11.60
N LEU A 389 9.77 -8.12 -12.15
CA LEU A 389 9.94 -7.75 -13.56
C LEU A 389 9.30 -8.79 -14.48
N VAL A 390 8.53 -8.33 -15.45
CA VAL A 390 7.91 -9.25 -16.39
C VAL A 390 8.43 -8.94 -17.79
N LEU A 391 9.19 -9.89 -18.34
CA LEU A 391 9.77 -9.76 -19.69
C LEU A 391 8.64 -9.99 -20.69
N LEU A 392 8.37 -8.99 -21.53
CA LEU A 392 7.29 -9.13 -22.51
C LEU A 392 7.76 -9.45 -23.91
N LYS A 393 9.00 -9.05 -24.20
CA LYS A 393 9.58 -9.29 -25.52
C LYS A 393 11.08 -9.37 -25.33
N ASN A 394 11.73 -10.27 -26.07
CA ASN A 394 13.17 -10.41 -25.98
C ASN A 394 13.73 -10.85 -27.33
N GLY A 395 13.48 -10.03 -28.34
CA GLY A 395 13.93 -10.29 -29.70
C GLY A 395 12.85 -9.85 -30.66
N LYS A 396 13.21 -9.11 -31.70
CA LYS A 396 12.22 -8.65 -32.66
C LYS A 396 11.64 -9.75 -33.54
N THR A 397 12.34 -10.87 -33.68
CA THR A 397 11.83 -11.98 -34.49
C THR A 397 12.28 -13.31 -33.90
N SER A 398 11.56 -14.37 -34.26
CA SER A 398 11.85 -15.70 -33.77
C SER A 398 13.30 -16.14 -34.05
N THR A 399 13.97 -15.48 -34.98
CA THR A 399 15.34 -15.88 -35.28
C THR A 399 16.39 -14.92 -34.73
N ASP A 400 15.96 -13.78 -34.21
CA ASP A 400 16.88 -12.83 -33.65
C ASP A 400 17.53 -13.43 -32.42
N ALA A 401 18.78 -13.06 -32.16
CA ALA A 401 19.47 -13.54 -30.98
C ALA A 401 18.83 -12.75 -29.84
N PRO A 402 18.52 -13.42 -28.72
CA PRO A 402 17.90 -12.69 -27.61
C PRO A 402 18.82 -11.60 -27.08
N LEU A 403 18.29 -10.39 -26.94
CA LEU A 403 19.08 -9.28 -26.43
C LEU A 403 19.47 -9.44 -24.95
N LEU A 404 18.54 -9.95 -24.15
CA LEU A 404 18.79 -10.15 -22.72
C LEU A 404 19.18 -11.59 -22.42
N PRO A 405 20.13 -11.80 -21.48
CA PRO A 405 20.83 -10.76 -20.73
C PRO A 405 21.87 -10.02 -21.53
N LEU A 406 22.07 -8.74 -21.19
CA LEU A 406 23.06 -7.91 -21.84
C LEU A 406 24.42 -8.24 -21.22
N PRO A 407 25.51 -7.95 -21.95
CA PRO A 407 26.87 -8.21 -21.46
C PRO A 407 27.30 -7.10 -20.51
N LYS A 408 27.98 -7.44 -19.43
CA LYS A 408 28.42 -6.41 -18.51
C LYS A 408 29.64 -5.68 -19.08
N LYS A 409 30.30 -6.34 -20.03
CA LYS A 409 31.48 -5.75 -20.64
C LYS A 409 31.21 -5.36 -22.08
N ALA A 410 31.21 -4.05 -22.34
CA ALA A 410 30.97 -3.49 -23.67
C ALA A 410 31.73 -2.19 -23.75
N PRO A 411 32.24 -1.85 -24.93
CA PRO A 411 33.00 -0.61 -25.09
C PRO A 411 32.27 0.66 -24.66
N LYS A 412 31.01 0.78 -25.06
CA LYS A 412 30.25 1.98 -24.75
C LYS A 412 28.75 1.65 -24.80
N ILE A 413 28.00 2.10 -23.80
CA ILE A 413 26.58 1.81 -23.78
C ILE A 413 25.76 3.06 -23.45
N LEU A 414 24.52 3.09 -23.92
CA LEU A 414 23.65 4.23 -23.67
C LEU A 414 22.51 3.92 -22.69
N VAL A 415 22.33 4.78 -21.71
CA VAL A 415 21.25 4.64 -20.74
C VAL A 415 20.45 5.91 -20.98
N ALA A 416 19.17 5.75 -21.31
CA ALA A 416 18.33 6.91 -21.59
C ALA A 416 16.91 6.75 -21.14
N GLY A 417 16.16 7.84 -21.24
CA GLY A 417 14.77 7.83 -20.84
C GLY A 417 14.49 8.73 -19.64
N SER A 418 13.24 9.16 -19.55
CA SER A 418 12.80 10.02 -18.47
C SER A 418 12.87 9.30 -17.14
N HIS A 419 12.79 7.98 -17.18
CA HIS A 419 12.80 7.16 -15.96
C HIS A 419 14.11 6.43 -15.69
N ALA A 420 15.13 6.67 -16.51
CA ALA A 420 16.40 6.00 -16.31
C ALA A 420 17.12 6.46 -15.04
N ASP A 421 16.94 7.73 -14.67
CA ASP A 421 17.59 8.28 -13.49
C ASP A 421 16.65 9.19 -12.70
N ASN A 422 15.54 8.65 -12.24
CA ASN A 422 14.54 9.42 -11.47
C ASN A 422 13.95 8.53 -10.36
N LEU A 423 14.55 8.61 -9.17
CA LEU A 423 14.12 7.79 -8.03
C LEU A 423 12.65 7.93 -7.66
N GLY A 424 12.11 9.14 -7.78
CA GLY A 424 10.71 9.33 -7.46
C GLY A 424 9.80 8.58 -8.43
N TYR A 425 10.05 8.73 -9.72
CA TYR A 425 9.24 8.07 -10.75
C TYR A 425 9.25 6.56 -10.52
N GLN A 426 10.44 6.05 -10.21
CA GLN A 426 10.68 4.65 -9.97
C GLN A 426 9.92 4.10 -8.75
N CYS A 427 9.55 4.97 -7.82
CA CYS A 427 8.83 4.54 -6.62
C CYS A 427 7.33 4.73 -6.76
N GLY A 428 6.92 5.68 -7.59
CA GLY A 428 5.50 5.92 -7.79
C GLY A 428 4.80 6.50 -6.56
N GLY A 429 3.47 6.45 -6.56
CA GLY A 429 2.68 6.98 -5.47
C GLY A 429 3.05 6.46 -4.08
N TRP A 430 2.61 7.17 -3.05
CA TRP A 430 2.88 6.83 -1.66
C TRP A 430 4.36 6.72 -1.34
N THR A 431 5.12 7.76 -1.65
CA THR A 431 6.56 7.77 -1.39
C THR A 431 6.98 9.19 -1.02
N ILE A 432 7.27 9.38 0.26
CA ILE A 432 7.69 10.69 0.81
C ILE A 432 6.46 11.61 0.80
N GLU A 433 5.95 11.92 -0.39
CA GLU A 433 4.75 12.73 -0.51
C GLU A 433 3.59 11.77 -0.68
N TRP A 434 2.37 12.28 -0.58
CA TRP A 434 1.19 11.45 -0.75
C TRP A 434 1.10 11.00 -2.19
N GLN A 435 1.15 11.96 -3.11
CA GLN A 435 1.08 11.69 -4.54
C GLN A 435 2.41 11.23 -5.13
N GLY A 436 3.40 11.02 -4.28
CA GLY A 436 4.69 10.62 -4.80
C GLY A 436 5.35 11.90 -5.30
N ASP A 437 6.54 11.79 -5.88
CA ASP A 437 7.22 12.99 -6.34
C ASP A 437 8.26 12.65 -7.38
N THR A 438 8.84 13.67 -8.00
CA THR A 438 9.85 13.49 -9.02
C THR A 438 11.25 13.77 -8.43
N GLY A 439 12.27 13.08 -8.95
CA GLY A 439 13.62 13.32 -8.48
C GLY A 439 14.14 12.46 -7.35
N ARG A 440 15.25 12.91 -6.75
CA ARG A 440 15.88 12.19 -5.66
C ARG A 440 15.27 12.60 -4.32
N THR A 441 14.10 12.02 -4.02
CA THR A 441 13.36 12.33 -2.81
C THR A 441 13.72 11.48 -1.58
N THR A 442 14.62 10.53 -1.76
CA THR A 442 15.01 9.69 -0.64
C THR A 442 16.28 8.91 -0.99
N VAL A 443 16.62 7.93 -0.15
CA VAL A 443 17.80 7.11 -0.37
C VAL A 443 17.47 5.90 -1.25
N GLY A 444 18.24 5.72 -2.32
CA GLY A 444 18.01 4.61 -3.22
C GLY A 444 18.99 4.61 -4.40
N THR A 445 18.72 3.76 -5.37
CA THR A 445 19.56 3.63 -6.55
C THR A 445 18.68 3.65 -7.79
N THR A 446 18.90 4.63 -8.66
CA THR A 446 18.13 4.74 -9.89
C THR A 446 18.63 3.69 -10.88
N ILE A 447 17.93 3.52 -12.00
CA ILE A 447 18.36 2.55 -12.98
C ILE A 447 19.73 2.91 -13.52
N LEU A 448 19.99 4.20 -13.75
CA LEU A 448 21.29 4.64 -14.24
C LEU A 448 22.38 4.26 -13.24
N GLU A 449 22.15 4.58 -11.98
CA GLU A 449 23.12 4.25 -10.92
C GLU A 449 23.36 2.75 -10.87
N ALA A 450 22.29 1.96 -10.95
CA ALA A 450 22.43 0.51 -10.91
C ALA A 450 23.26 -0.01 -12.08
N VAL A 451 23.08 0.61 -13.25
CA VAL A 451 23.83 0.20 -14.42
C VAL A 451 25.31 0.43 -14.20
N LYS A 452 25.64 1.65 -13.77
CA LYS A 452 27.03 2.01 -13.52
C LYS A 452 27.64 1.08 -12.47
N ALA A 453 26.84 0.66 -11.51
CA ALA A 453 27.31 -0.20 -10.43
C ALA A 453 27.41 -1.65 -10.85
N ALA A 454 27.02 -1.96 -12.08
CA ALA A 454 27.05 -3.35 -12.53
C ALA A 454 28.04 -3.64 -13.64
N VAL A 455 28.16 -2.72 -14.59
CA VAL A 455 29.05 -2.92 -15.72
C VAL A 455 30.52 -3.09 -15.36
N ASP A 456 31.27 -3.68 -16.28
CA ASP A 456 32.71 -3.88 -16.11
C ASP A 456 33.41 -2.52 -16.10
N PRO A 457 34.51 -2.39 -15.34
CA PRO A 457 35.25 -1.13 -15.26
C PRO A 457 35.50 -0.50 -16.62
N SER A 458 35.70 -1.33 -17.65
CA SER A 458 35.98 -0.83 -18.98
C SER A 458 34.77 -0.26 -19.71
N THR A 459 33.59 -0.76 -19.39
CA THR A 459 32.37 -0.30 -20.04
C THR A 459 32.08 1.19 -19.79
N VAL A 460 32.17 2.00 -20.84
CA VAL A 460 31.87 3.42 -20.70
C VAL A 460 30.36 3.53 -20.73
N VAL A 461 29.81 4.23 -19.74
CA VAL A 461 28.37 4.42 -19.64
C VAL A 461 27.97 5.87 -19.89
N VAL A 462 27.17 6.09 -20.91
CA VAL A 462 26.72 7.44 -21.24
C VAL A 462 25.25 7.62 -20.89
N PHE A 463 24.91 8.78 -20.34
CA PHE A 463 23.52 9.06 -20.01
C PHE A 463 23.00 10.22 -20.83
N ALA A 464 21.79 10.08 -21.37
CA ALA A 464 21.15 11.12 -22.17
C ALA A 464 19.67 10.93 -21.94
N GLU A 465 19.05 11.84 -21.20
CA GLU A 465 17.63 11.71 -20.90
C GLU A 465 16.77 11.57 -22.13
N ASN A 466 17.04 12.39 -23.15
CA ASN A 466 16.25 12.36 -24.37
C ASN A 466 17.04 12.58 -25.63
N PRO A 467 17.99 11.70 -25.93
CA PRO A 467 18.81 11.81 -27.13
C PRO A 467 18.01 11.66 -28.41
N ASP A 468 18.45 12.34 -29.48
CA ASP A 468 17.76 12.21 -30.75
C ASP A 468 18.42 11.09 -31.55
N ALA A 469 17.75 10.65 -32.62
CA ALA A 469 18.23 9.57 -33.45
C ALA A 469 19.69 9.69 -33.86
N GLU A 470 20.10 10.88 -34.28
CA GLU A 470 21.48 11.07 -34.71
C GLU A 470 22.50 10.85 -33.59
N PHE A 471 22.16 11.30 -32.40
CA PHE A 471 23.05 11.14 -31.26
C PHE A 471 23.33 9.67 -31.02
N VAL A 472 22.27 8.87 -31.08
CA VAL A 472 22.41 7.45 -30.86
C VAL A 472 23.20 6.80 -31.99
N LYS A 473 22.87 7.12 -33.23
CA LYS A 473 23.57 6.53 -34.37
C LYS A 473 25.04 6.89 -34.42
N SER A 474 25.42 8.02 -33.83
CA SER A 474 26.82 8.43 -33.87
C SER A 474 27.61 8.07 -32.61
N GLY A 475 26.92 7.64 -31.57
CA GLY A 475 27.60 7.33 -30.31
C GLY A 475 28.41 6.06 -30.20
N GLY A 476 28.31 5.18 -31.18
CA GLY A 476 29.06 3.94 -31.11
C GLY A 476 28.70 3.09 -29.92
N PHE A 477 27.41 2.96 -29.66
CA PHE A 477 26.92 2.18 -28.54
C PHE A 477 26.76 0.72 -28.93
N SER A 478 26.95 -0.18 -27.97
CA SER A 478 26.79 -1.60 -28.24
C SER A 478 25.30 -1.93 -28.09
N TYR A 479 24.66 -1.21 -27.18
CA TYR A 479 23.24 -1.38 -26.91
C TYR A 479 22.78 -0.23 -26.02
N ALA A 480 21.48 -0.15 -25.78
CA ALA A 480 20.95 0.92 -24.95
C ALA A 480 19.84 0.44 -24.02
N ILE A 481 19.77 1.04 -22.84
CA ILE A 481 18.72 0.71 -21.88
C ILE A 481 17.92 1.99 -21.78
N VAL A 482 16.66 1.92 -22.16
CA VAL A 482 15.80 3.11 -22.11
C VAL A 482 14.64 2.85 -21.17
N ALA A 483 14.47 3.76 -20.21
CA ALA A 483 13.42 3.65 -19.22
C ALA A 483 12.43 4.79 -19.36
N VAL A 484 11.15 4.45 -19.48
CA VAL A 484 10.09 5.42 -19.61
C VAL A 484 8.84 4.89 -18.90
N GLY A 485 7.82 5.73 -18.76
CA GLY A 485 6.61 5.28 -18.11
C GLY A 485 5.73 6.33 -17.49
N GLU A 486 4.83 5.89 -16.62
CA GLU A 486 3.91 6.78 -15.94
C GLU A 486 4.60 7.65 -14.91
N HIS A 487 3.89 8.67 -14.45
CA HIS A 487 4.40 9.56 -13.43
C HIS A 487 3.74 9.14 -12.10
N PRO A 488 4.34 9.51 -10.97
CA PRO A 488 3.73 9.11 -9.69
C PRO A 488 2.31 9.63 -9.54
N TYR A 489 1.45 8.82 -8.94
CA TYR A 489 0.08 9.22 -8.72
C TYR A 489 -0.55 8.40 -7.62
N THR A 490 -1.62 8.92 -7.03
CA THR A 490 -2.28 8.23 -5.95
C THR A 490 -3.78 8.53 -5.94
N GLU A 491 -4.57 7.50 -5.68
CA GLU A 491 -6.02 7.64 -5.63
C GLU A 491 -6.59 8.30 -6.89
N THR A 492 -7.56 9.18 -6.73
CA THR A 492 -8.19 9.83 -7.88
C THR A 492 -7.28 10.53 -8.88
N LYS A 493 -6.14 11.07 -8.44
CA LYS A 493 -5.21 11.72 -9.38
C LYS A 493 -4.70 10.66 -10.36
N GLY A 494 -4.90 9.39 -10.01
CA GLY A 494 -4.43 8.32 -10.86
C GLY A 494 -5.45 7.74 -11.82
N ASP A 495 -6.70 8.16 -11.70
CA ASP A 495 -7.73 7.66 -12.61
C ASP A 495 -7.32 8.06 -14.03
N ASN A 496 -7.36 7.11 -14.96
CA ASN A 496 -6.96 7.40 -16.33
C ASN A 496 -7.79 6.60 -17.34
N LEU A 497 -8.39 7.29 -18.29
CA LEU A 497 -9.21 6.62 -19.28
C LEU A 497 -8.49 6.25 -20.57
N ASN A 498 -7.43 6.97 -20.90
CA ASN A 498 -6.68 6.71 -22.12
C ASN A 498 -5.50 5.76 -21.88
N LEU A 499 -5.03 5.71 -20.64
CA LEU A 499 -3.93 4.84 -20.23
C LEU A 499 -2.70 4.79 -21.14
N THR A 500 -2.31 5.93 -21.70
CA THR A 500 -1.12 5.98 -22.56
C THR A 500 -0.07 6.78 -21.80
N ILE A 501 1.18 6.32 -21.85
CA ILE A 501 2.24 7.02 -21.12
C ILE A 501 2.54 8.40 -21.70
N PRO A 502 2.88 9.36 -20.82
CA PRO A 502 3.18 10.73 -21.24
C PRO A 502 4.46 10.79 -22.07
N GLU A 503 4.60 11.84 -22.86
CA GLU A 503 5.79 12.03 -23.67
C GLU A 503 6.65 13.10 -23.03
N PRO A 504 7.95 13.11 -23.33
CA PRO A 504 8.62 12.17 -24.25
C PRO A 504 8.65 10.79 -23.60
N GLY A 505 8.39 9.77 -24.39
CA GLY A 505 8.41 8.41 -23.89
C GLY A 505 8.62 7.53 -25.10
N LEU A 506 7.53 7.29 -25.82
CA LEU A 506 7.57 6.49 -27.03
C LEU A 506 8.62 7.06 -27.98
N SER A 507 8.60 8.38 -28.13
CA SER A 507 9.55 9.06 -29.03
C SER A 507 11.00 8.74 -28.67
N THR A 508 11.34 8.80 -27.39
CA THR A 508 12.69 8.51 -26.96
C THR A 508 13.04 7.06 -27.29
N VAL A 509 12.12 6.16 -27.01
CA VAL A 509 12.34 4.74 -27.29
C VAL A 509 12.55 4.53 -28.80
N GLN A 510 11.70 5.16 -29.60
CA GLN A 510 11.81 5.02 -31.05
C GLN A 510 13.12 5.61 -31.54
N ALA A 511 13.51 6.74 -30.98
CA ALA A 511 14.75 7.39 -31.39
C ALA A 511 15.93 6.50 -31.02
N VAL A 512 15.98 6.09 -29.75
CA VAL A 512 17.07 5.24 -29.30
C VAL A 512 17.12 3.90 -30.02
N CYS A 513 15.99 3.18 -30.02
CA CYS A 513 15.92 1.87 -30.67
C CYS A 513 16.19 1.92 -32.17
N GLY A 514 15.85 3.03 -32.80
CA GLY A 514 16.10 3.14 -34.23
C GLY A 514 17.58 3.10 -34.48
N GLY A 515 18.36 3.71 -33.58
CA GLY A 515 19.80 3.76 -33.73
C GLY A 515 20.61 2.55 -33.28
N VAL A 516 20.19 1.89 -32.21
CA VAL A 516 20.94 0.74 -31.70
C VAL A 516 19.99 -0.23 -31.01
N ARG A 517 20.37 -1.51 -30.94
CA ARG A 517 19.54 -2.49 -30.27
C ARG A 517 19.27 -1.99 -28.87
N CYS A 518 18.01 -2.04 -28.47
CA CYS A 518 17.59 -1.50 -27.18
C CYS A 518 16.80 -2.44 -26.28
N ALA A 519 16.84 -2.14 -25.00
CA ALA A 519 16.10 -2.90 -24.00
C ALA A 519 15.27 -1.83 -23.27
N THR A 520 13.97 -1.80 -23.54
CA THR A 520 13.09 -0.82 -22.93
C THR A 520 12.53 -1.26 -21.59
N VAL A 521 12.72 -0.42 -20.59
CA VAL A 521 12.21 -0.70 -19.24
C VAL A 521 10.99 0.21 -19.06
N LEU A 522 9.84 -0.41 -18.83
CA LEU A 522 8.60 0.32 -18.65
C LEU A 522 8.22 0.43 -17.19
N ILE A 523 8.17 1.66 -16.69
CA ILE A 523 7.81 1.93 -15.32
C ILE A 523 6.36 2.39 -15.33
N SER A 524 5.49 1.61 -14.68
CA SER A 524 4.07 1.95 -14.63
C SER A 524 3.41 1.22 -13.47
N GLY A 525 2.24 1.69 -13.06
CA GLY A 525 1.54 1.04 -11.97
C GLY A 525 0.45 0.13 -12.50
N ARG A 526 0.44 -0.08 -13.80
CA ARG A 526 -0.60 -0.90 -14.41
C ARG A 526 -0.28 -1.10 -15.89
N PRO A 527 -0.96 -2.05 -16.54
CA PRO A 527 -0.67 -2.21 -17.97
C PRO A 527 -1.14 -0.95 -18.70
N VAL A 528 -0.38 -0.55 -19.72
CA VAL A 528 -0.70 0.64 -20.49
C VAL A 528 -0.55 0.31 -21.98
N VAL A 529 -1.06 1.19 -22.84
CA VAL A 529 -0.97 0.97 -24.28
C VAL A 529 0.51 0.70 -24.53
N VAL A 530 0.82 -0.47 -25.08
CA VAL A 530 2.23 -0.83 -25.28
C VAL A 530 2.61 -1.40 -26.64
N GLN A 531 1.71 -1.37 -27.61
CA GLN A 531 2.07 -1.91 -28.92
C GLN A 531 3.15 -1.06 -29.58
N PRO A 532 2.99 0.27 -29.56
CA PRO A 532 3.98 1.18 -30.16
C PRO A 532 5.38 0.96 -29.57
N LEU A 533 5.44 0.94 -28.24
CA LEU A 533 6.71 0.72 -27.52
C LEU A 533 7.28 -0.64 -27.89
N LEU A 534 6.39 -1.62 -27.95
CA LEU A 534 6.76 -2.99 -28.29
C LEU A 534 7.36 -3.03 -29.70
N ALA A 535 6.64 -2.44 -30.65
CA ALA A 535 7.07 -2.40 -32.04
C ALA A 535 8.52 -1.90 -32.23
N ALA A 536 8.88 -0.88 -31.48
CA ALA A 536 10.22 -0.29 -31.59
C ALA A 536 11.35 -1.02 -30.85
N SER A 537 10.99 -1.71 -29.78
CA SER A 537 11.98 -2.39 -28.95
C SER A 537 12.41 -3.80 -29.34
N ASP A 538 13.65 -4.14 -28.98
CA ASP A 538 14.18 -5.48 -29.24
C ASP A 538 13.70 -6.31 -28.05
N ALA A 539 13.84 -5.76 -26.86
CA ALA A 539 13.40 -6.41 -25.62
C ALA A 539 12.68 -5.34 -24.80
N LEU A 540 11.63 -5.74 -24.11
CA LEU A 540 10.87 -4.80 -23.29
C LEU A 540 10.48 -5.48 -21.99
N VAL A 541 10.82 -4.82 -20.88
CA VAL A 541 10.52 -5.34 -19.55
C VAL A 541 9.51 -4.48 -18.82
N ALA A 542 8.52 -5.12 -18.21
CA ALA A 542 7.51 -4.41 -17.44
C ALA A 542 8.02 -4.43 -16.00
N ALA A 543 8.50 -3.29 -15.52
CA ALA A 543 9.06 -3.19 -14.18
C ALA A 543 8.10 -2.65 -13.12
N TRP A 544 6.89 -2.29 -13.53
CA TRP A 544 5.90 -1.75 -12.62
C TRP A 544 6.53 -0.57 -11.88
N LEU A 545 6.44 -0.57 -10.56
CA LEU A 545 7.00 0.50 -9.73
C LEU A 545 7.95 -0.19 -8.75
N PRO A 546 9.17 -0.48 -9.21
CA PRO A 546 10.31 -1.15 -8.55
C PRO A 546 10.59 -0.79 -7.10
N GLY A 547 10.56 0.50 -6.79
CA GLY A 547 10.86 0.92 -5.44
C GLY A 547 12.20 1.63 -5.46
N SER A 548 12.85 1.74 -4.31
CA SER A 548 14.11 2.44 -4.23
C SER A 548 15.35 1.66 -4.70
N GLU A 549 15.25 0.34 -4.74
CA GLU A 549 16.39 -0.49 -5.14
C GLU A 549 16.43 -0.88 -6.62
N GLY A 550 16.85 0.07 -7.46
CA GLY A 550 16.91 -0.16 -8.89
C GLY A 550 17.79 -1.30 -9.35
N GLN A 551 18.78 -1.67 -8.55
CA GLN A 551 19.66 -2.75 -8.94
C GLN A 551 18.85 -4.03 -9.15
N GLY A 552 17.62 -4.02 -8.64
CA GLY A 552 16.76 -5.17 -8.83
C GLY A 552 16.51 -5.30 -10.33
N VAL A 553 16.45 -4.16 -11.00
CA VAL A 553 16.22 -4.12 -12.45
C VAL A 553 17.44 -4.63 -13.22
N THR A 554 18.62 -4.14 -12.88
CA THR A 554 19.83 -4.56 -13.57
C THR A 554 20.20 -6.00 -13.24
N ASP A 555 19.80 -6.49 -12.07
CA ASP A 555 20.10 -7.87 -11.70
C ASP A 555 19.57 -8.82 -12.78
N ALA A 556 18.46 -8.44 -13.40
CA ALA A 556 17.86 -9.27 -14.45
C ALA A 556 18.38 -8.87 -15.82
N LEU A 557 18.49 -7.57 -16.08
CA LEU A 557 18.97 -7.11 -17.36
C LEU A 557 20.33 -7.68 -17.73
N PHE A 558 21.23 -7.79 -16.75
CA PHE A 558 22.56 -8.31 -17.02
C PHE A 558 22.77 -9.80 -16.76
N GLY A 559 21.70 -10.51 -16.47
CA GLY A 559 21.81 -11.94 -16.26
C GLY A 559 22.22 -12.50 -14.91
N ASP A 560 22.40 -11.67 -13.88
CA ASP A 560 22.76 -12.24 -12.59
C ASP A 560 21.65 -13.16 -12.12
N PHE A 561 20.44 -12.92 -12.61
CA PHE A 561 19.29 -13.75 -12.31
C PHE A 561 18.43 -13.73 -13.56
N GLY A 562 17.68 -14.80 -13.78
CA GLY A 562 16.83 -14.85 -14.95
C GLY A 562 15.47 -14.30 -14.63
N PHE A 563 14.75 -13.77 -15.63
CA PHE A 563 13.41 -13.25 -15.40
C PHE A 563 12.48 -14.37 -15.02
N THR A 564 11.65 -14.15 -14.02
CA THR A 564 10.71 -15.17 -13.58
C THR A 564 9.30 -14.63 -13.40
N GLY A 565 9.18 -13.31 -13.26
CA GLY A 565 7.88 -12.69 -13.08
C GLY A 565 6.85 -12.96 -14.17
N ARG A 566 5.59 -13.08 -13.74
CA ARG A 566 4.49 -13.34 -14.68
C ARG A 566 3.35 -12.34 -14.45
N LEU A 567 2.81 -11.82 -15.55
CA LEU A 567 1.74 -10.85 -15.47
C LEU A 567 0.68 -11.21 -14.45
N PRO A 568 0.42 -10.31 -13.49
CA PRO A 568 -0.58 -10.52 -12.44
C PRO A 568 -1.92 -9.94 -12.91
N ARG A 569 -1.88 -9.28 -14.07
CA ARG A 569 -3.07 -8.66 -14.66
C ARG A 569 -3.18 -9.04 -16.13
N THR A 570 -4.26 -8.63 -16.76
CA THR A 570 -4.48 -8.88 -18.17
C THR A 570 -3.96 -7.64 -18.91
N TRP A 571 -3.15 -7.85 -19.96
CA TRP A 571 -2.67 -6.70 -20.71
C TRP A 571 -3.63 -6.61 -21.89
N PHE A 572 -4.30 -5.48 -22.01
CA PHE A 572 -5.28 -5.23 -23.06
C PHE A 572 -4.65 -4.73 -24.35
N LYS A 573 -5.40 -4.85 -25.45
CA LYS A 573 -4.93 -4.35 -26.74
C LYS A 573 -5.36 -2.91 -26.85
N SER A 574 -6.53 -2.60 -26.30
CA SER A 574 -7.07 -1.25 -26.34
C SER A 574 -7.84 -0.97 -25.06
N VAL A 575 -7.98 0.30 -24.70
CA VAL A 575 -8.71 0.65 -23.48
C VAL A 575 -10.20 0.40 -23.61
N ASP A 576 -10.75 0.51 -24.81
CA ASP A 576 -12.18 0.28 -24.97
C ASP A 576 -12.59 -1.18 -24.83
N GLN A 577 -11.64 -2.05 -24.51
CA GLN A 577 -11.98 -3.45 -24.30
C GLN A 577 -12.39 -3.60 -22.83
N LEU A 578 -11.93 -2.64 -22.02
CA LEU A 578 -12.17 -2.62 -20.58
C LEU A 578 -13.60 -2.36 -20.12
N PRO A 579 -14.04 -3.07 -19.07
CA PRO A 579 -13.23 -4.05 -18.34
C PRO A 579 -13.02 -5.29 -19.17
N MET A 580 -12.05 -6.11 -18.77
CA MET A 580 -11.74 -7.37 -19.44
C MET A 580 -10.75 -8.13 -18.56
N ASN A 581 -11.26 -9.12 -17.84
CA ASN A 581 -10.43 -9.92 -16.95
C ASN A 581 -10.43 -11.38 -17.33
N VAL A 582 -9.42 -12.12 -16.85
CA VAL A 582 -9.31 -13.54 -17.15
C VAL A 582 -10.64 -14.21 -16.86
N GLY A 583 -10.96 -15.23 -17.65
CA GLY A 583 -12.19 -15.96 -17.45
C GLY A 583 -13.39 -15.21 -17.99
N ASP A 584 -13.15 -14.04 -18.59
CA ASP A 584 -14.25 -13.25 -19.14
C ASP A 584 -14.83 -13.85 -20.41
N ALA A 585 -15.88 -13.21 -20.92
CA ALA A 585 -16.56 -13.66 -22.12
C ALA A 585 -15.75 -13.44 -23.39
N HIS A 586 -15.47 -12.17 -23.71
CA HIS A 586 -14.71 -11.84 -24.90
C HIS A 586 -13.20 -11.70 -24.65
N TYR A 587 -12.66 -12.47 -23.70
CA TYR A 587 -11.24 -12.36 -23.40
C TYR A 587 -10.35 -12.35 -24.65
N ASP A 588 -9.90 -11.15 -25.02
CA ASP A 588 -9.06 -10.96 -26.19
C ASP A 588 -7.87 -10.07 -25.80
N PRO A 589 -7.00 -10.58 -24.92
CA PRO A 589 -5.81 -9.88 -24.40
C PRO A 589 -4.63 -9.77 -25.35
N LEU A 590 -3.81 -8.75 -25.14
CA LEU A 590 -2.60 -8.56 -25.92
C LEU A 590 -1.63 -9.57 -25.30
N PHE A 591 -1.73 -9.70 -23.98
CA PHE A 591 -0.94 -10.65 -23.20
C PHE A 591 -1.90 -11.12 -22.11
N ARG A 592 -2.14 -12.43 -22.08
CA ARG A 592 -3.05 -12.98 -21.08
C ARG A 592 -2.38 -12.98 -19.71
N LEU A 593 -3.19 -13.01 -18.67
CA LEU A 593 -2.66 -13.06 -17.30
C LEU A 593 -1.79 -14.31 -17.23
N GLY A 594 -0.70 -14.24 -16.47
CA GLY A 594 0.18 -15.38 -16.34
C GLY A 594 1.31 -15.39 -17.36
N TYR A 595 1.24 -14.51 -18.36
CA TYR A 595 2.29 -14.44 -19.38
C TYR A 595 3.60 -13.83 -18.88
N GLY A 596 4.70 -14.34 -19.41
CA GLY A 596 6.00 -13.83 -19.02
C GLY A 596 7.13 -14.63 -19.63
N LEU A 597 7.98 -13.98 -20.42
CA LEU A 597 9.13 -14.65 -21.03
C LEU A 597 10.16 -14.87 -19.94
N THR A 598 10.99 -15.89 -20.09
CA THR A 598 12.01 -16.15 -19.07
C THR A 598 13.42 -16.12 -19.66
N THR A 599 14.41 -16.13 -18.79
CA THR A 599 15.81 -16.16 -19.20
C THR A 599 16.51 -16.89 -18.08
N ASN A 600 17.74 -17.33 -18.32
CA ASN A 600 18.49 -18.03 -17.28
C ASN A 600 19.74 -17.23 -16.95
N ALA A 601 20.13 -17.27 -15.68
CA ALA A 601 21.31 -16.55 -15.23
C ALA A 601 22.55 -16.97 -16.02
N THR A 602 23.34 -15.98 -16.42
CA THR A 602 24.56 -16.25 -17.18
C THR A 602 25.66 -16.71 -16.23
C1 NAG B . -19.66 8.01 -9.31
C2 NAG B . -20.63 8.56 -8.24
C3 NAG B . -21.65 9.49 -8.90
C4 NAG B . -20.94 10.57 -9.70
C5 NAG B . -19.97 9.92 -10.70
C6 NAG B . -19.17 10.90 -11.52
C7 NAG B . -21.13 7.21 -6.31
C8 NAG B . -22.36 7.25 -5.41
N2 NAG B . -21.32 7.45 -7.60
O3 NAG B . -22.47 10.09 -7.90
O4 NAG B . -21.90 11.36 -10.42
O5 NAG B . -19.02 9.08 -10.00
O6 NAG B . -18.87 10.36 -12.80
O7 NAG B . -20.02 6.98 -5.83
C1 NAG B . -21.64 12.71 -10.56
C2 NAG B . -22.49 13.30 -11.69
C3 NAG B . -22.25 14.81 -11.80
C4 NAG B . -22.23 15.57 -10.43
C5 NAG B . -21.54 14.74 -9.32
C6 NAG B . -21.82 15.28 -7.93
C7 NAG B . -22.68 11.48 -13.28
C8 NAG B . -21.74 10.28 -13.37
N2 NAG B . -22.15 12.66 -12.95
O3 NAG B . -23.26 15.38 -12.61
O4 NAG B . -21.49 16.80 -10.63
O5 NAG B . -21.97 13.38 -9.34
O6 NAG B . -21.99 14.22 -7.00
O7 NAG B . -23.88 11.33 -13.52
C1 BMA B . -22.01 18.05 -10.27
C2 BMA B . -23.52 18.19 -10.57
C3 BMA B . -23.95 19.62 -10.21
C4 BMA B . -23.56 19.95 -8.76
C5 BMA B . -22.07 19.67 -8.50
C6 BMA B . -21.67 19.84 -7.05
O2 BMA B . -24.26 17.26 -9.81
O3 BMA B . -25.36 19.76 -10.38
O4 BMA B . -23.84 21.32 -8.49
O5 BMA B . -21.75 18.31 -8.88
O6 BMA B . -21.82 21.19 -6.63
C1 NAG C . -4.81 10.48 -20.23
C2 NAG C . -3.91 11.51 -20.87
C3 NAG C . -2.87 11.81 -19.84
C4 NAG C . -3.59 12.57 -18.70
C5 NAG C . -4.69 11.63 -18.11
C6 NAG C . -5.60 12.31 -17.12
C7 NAG C . -3.85 11.52 -23.28
C8 NAG C . -3.31 10.90 -24.56
N2 NAG C . -3.36 11.06 -22.12
O3 NAG C . -1.73 12.51 -20.42
O4 NAG C . -2.67 12.93 -17.65
O5 NAG C . -5.55 11.10 -19.17
O6 NAG C . -6.84 11.63 -17.01
O7 NAG C . -4.70 12.41 -23.34
C1 NAG C . -3.07 13.97 -16.81
C2 NAG C . -2.08 14.14 -15.65
C3 NAG C . -2.46 15.36 -14.80
C4 NAG C . -2.67 16.60 -15.69
C5 NAG C . -3.65 16.28 -16.81
C6 NAG C . -3.84 17.44 -17.78
C7 NAG C . -0.94 12.34 -14.51
C8 NAG C . -0.79 11.88 -13.07
N2 NAG C . -2.08 12.95 -14.82
O3 NAG C . -1.42 15.63 -13.87
O4 NAG C . -3.17 17.70 -14.89
O5 NAG C . -3.16 15.17 -17.59
O6 NAG C . -4.43 17.00 -19.00
O7 NAG C . -0.03 12.14 -15.31
C1 BMA C . -2.45 18.87 -14.98
C2 BMA C . -3.19 20.02 -14.29
C3 BMA C . -2.31 21.29 -14.32
C4 BMA C . -0.93 21.00 -13.74
C5 BMA C . -0.30 19.79 -14.45
C6 BMA C . 1.05 19.36 -13.90
O2 BMA C . -3.51 19.67 -12.95
O3 BMA C . -2.94 22.33 -13.59
O4 BMA C . -0.09 22.14 -13.92
O5 BMA C . -1.18 18.65 -14.34
O6 BMA C . 1.33 18.01 -14.35
C1 MAN C . 2.64 17.60 -14.10
C2 MAN C . 2.94 16.35 -14.95
C3 MAN C . 2.08 15.20 -14.43
C4 MAN C . 2.38 14.95 -12.95
C5 MAN C . 2.14 16.25 -12.15
C6 MAN C . 2.56 16.12 -10.69
O2 MAN C . 4.34 16.01 -14.84
O3 MAN C . 2.34 14.02 -15.18
O4 MAN C . 1.55 13.92 -12.44
O5 MAN C . 2.90 17.35 -12.72
O6 MAN C . 2.54 17.37 -10.04
C1 NAG C . 5.19 16.52 -15.79
C2 NAG C . 6.64 16.22 -15.40
C3 NAG C . 7.58 16.71 -16.50
C4 NAG C . 7.19 16.05 -17.83
C5 NAG C . 5.73 16.35 -18.14
C6 NAG C . 5.26 15.65 -19.40
C7 NAG C . 6.71 16.20 -12.98
C8 NAG C . 5.89 16.96 -11.96
N2 NAG C . 6.98 16.83 -14.12
O3 NAG C . 8.93 16.39 -16.17
O4 NAG C . 8.03 16.53 -18.87
O5 NAG C . 4.87 15.90 -17.05
O6 NAG C . 5.60 14.26 -19.37
O7 NAG C . 7.09 15.06 -12.74
C1 FUL C . -1.57 13.90 -20.28
C2 FUL C . -1.32 14.51 -21.67
O2 FUL C . -2.45 14.31 -22.51
C3 FUL C . -1.03 16.01 -21.55
O3 FUL C . -0.69 16.54 -22.83
C4 FUL C . 0.13 16.24 -20.57
O4 FUL C . 1.31 15.63 -21.08
C5 FUL C . -0.22 15.60 -19.23
C6 FUL C . 0.89 15.73 -18.21
O5 FUL C . -0.49 14.20 -19.40
C1 NAG D . 15.78 -21.45 -16.71
C2 NAG D . 16.08 -22.68 -15.83
C3 NAG D . 14.85 -23.59 -15.69
C4 NAG D . 13.64 -22.77 -15.26
C5 NAG D . 13.43 -21.63 -16.24
C6 NAG D . 12.21 -20.77 -15.90
C7 NAG D . 18.25 -23.71 -15.69
C8 NAG D . 19.32 -24.56 -16.35
N2 NAG D . 17.17 -23.43 -16.41
O3 NAG D . 15.11 -24.62 -14.74
O4 NAG D . 12.48 -23.59 -15.23
O5 NAG D . 14.60 -20.77 -16.24
O6 NAG D . 12.59 -19.47 -15.49
O7 NAG D . 18.39 -23.32 -14.53
C1 G2F E . -7.84 7.04 2.86
C2 G2F E . -7.29 6.15 1.79
C3 G2F E . -6.70 4.90 2.48
C4 G2F E . -5.58 5.36 3.41
C5 G2F E . -6.18 6.31 4.49
C6 G2F E . -5.13 6.89 5.49
O3 G2F E . -6.18 4.03 1.48
O4 G2F E . -4.96 4.26 4.08
O5 G2F E . -6.82 7.43 3.83
O6 G2F E . -4.30 7.87 4.85
F2 G2F E . -8.32 5.79 0.92
#